data_2EHJ
#
_entry.id   2EHJ
#
_cell.length_a   91.312
_cell.length_b   91.312
_cell.length_c   266.911
_cell.angle_alpha   90.00
_cell.angle_beta   90.00
_cell.angle_gamma   90.00
#
_symmetry.space_group_name_H-M   'P 41 21 2'
#
loop_
_entity.id
_entity.type
_entity.pdbx_description
1 polymer 'Uracil phosphoribosyltransferase'
2 non-polymer 'SULFATE ION'
3 water water
#
_entity_poly.entity_id   1
_entity_poly.type   'polypeptide(L)'
_entity_poly.pdbx_seq_one_letter_code
;KKIVEVKHPLVKHKLGLMREQDISTKRFRELASEVGSLLTYEATADLETEKVTIEGWNGPVEIDQIKGKKITVVPILRAG
LGMMDGVLENVPSARISVVGMYRNEETLEPVPYFQKLVSNIDERMALIVDPMLATGGSVIATIDLLKKAGCSSIKVLVLV
AAPEGIAALEKAHPDVELYTASIDQGLNEHGYIIPGLGDAGDKIFGTK
;
_entity_poly.pdbx_strand_id   A,B,C,D
#
loop_
_chem_comp.id
_chem_comp.type
_chem_comp.name
_chem_comp.formula
SO4 non-polymer 'SULFATE ION' 'O4 S -2'
#
# COMPACT_ATOMS: atom_id res chain seq x y z
N LYS A 1 -30.57 -9.30 -13.84
CA LYS A 1 -30.52 -10.69 -14.36
C LYS A 1 -29.07 -11.15 -14.49
N LYS A 2 -28.16 -10.19 -14.67
CA LYS A 2 -26.73 -10.47 -14.81
C LYS A 2 -26.10 -10.77 -13.46
N ILE A 3 -25.64 -12.00 -13.28
CA ILE A 3 -25.05 -12.41 -12.02
C ILE A 3 -23.75 -13.14 -12.26
N VAL A 4 -22.64 -12.57 -11.78
CA VAL A 4 -21.37 -13.21 -11.96
C VAL A 4 -20.74 -13.61 -10.65
N GLU A 5 -20.51 -14.90 -10.47
CA GLU A 5 -19.85 -15.41 -9.28
C GLU A 5 -18.42 -15.64 -9.72
N VAL A 6 -17.54 -14.68 -9.42
CA VAL A 6 -16.15 -14.79 -9.82
C VAL A 6 -15.52 -16.07 -9.26
N LYS A 7 -15.31 -17.07 -10.11
CA LYS A 7 -14.73 -18.30 -9.63
C LYS A 7 -13.25 -18.48 -9.98
N HIS A 8 -12.52 -17.36 -10.05
CA HIS A 8 -11.09 -17.37 -10.33
C HIS A 8 -10.45 -18.04 -9.10
N PRO A 9 -9.35 -18.77 -9.28
CA PRO A 9 -8.70 -19.45 -8.15
C PRO A 9 -8.15 -18.58 -7.01
N LEU A 10 -7.71 -17.36 -7.29
CA LEU A 10 -7.19 -16.51 -6.22
C LEU A 10 -8.33 -15.91 -5.38
N VAL A 11 -9.52 -15.87 -5.96
CA VAL A 11 -10.68 -15.34 -5.25
C VAL A 11 -11.17 -16.40 -4.28
N LYS A 12 -11.27 -17.64 -4.77
CA LYS A 12 -11.71 -18.73 -3.93
C LYS A 12 -10.74 -18.91 -2.80
N HIS A 13 -9.45 -18.78 -3.09
CA HIS A 13 -8.43 -18.94 -2.07
C HIS A 13 -8.45 -17.86 -1.00
N LYS A 14 -8.47 -16.60 -1.41
CA LYS A 14 -8.48 -15.50 -0.45
C LYS A 14 -9.81 -15.52 0.28
N LEU A 15 -10.87 -15.89 -0.43
CA LEU A 15 -12.18 -15.94 0.19
C LEU A 15 -12.16 -16.99 1.29
N GLY A 16 -11.58 -18.15 1.00
CA GLY A 16 -11.51 -19.22 1.98
C GLY A 16 -10.81 -18.76 3.24
N LEU A 17 -9.71 -18.02 3.09
CA LEU A 17 -8.95 -17.51 4.22
C LEU A 17 -9.81 -16.59 5.10
N MET A 18 -10.73 -15.85 4.49
CA MET A 18 -11.59 -14.94 5.26
C MET A 18 -12.56 -15.70 6.17
N ARG A 19 -12.80 -16.98 5.86
CA ARG A 19 -13.73 -17.78 6.64
C ARG A 19 -13.20 -18.21 7.99
N GLU A 20 -11.88 -18.29 8.14
CA GLU A 20 -11.31 -18.68 9.42
C GLU A 20 -11.84 -17.77 10.52
N GLN A 21 -12.15 -18.33 11.68
CA GLN A 21 -12.54 -17.79 12.97
C GLN A 21 -11.42 -16.93 13.52
N ASP A 22 -10.28 -17.58 13.33
CA ASP A 22 -9.02 -17.15 13.94
C ASP A 22 -8.74 -15.73 13.45
N ILE A 23 -8.79 -15.59 12.13
CA ILE A 23 -8.43 -14.39 11.38
C ILE A 23 -8.60 -13.10 12.17
N SER A 24 -7.50 -12.33 12.16
CA SER A 24 -7.55 -11.06 12.85
C SER A 24 -8.16 -9.86 12.07
N THR A 25 -8.63 -8.85 12.80
CA THR A 25 -9.25 -7.68 12.17
C THR A 25 -8.34 -7.13 11.09
N LYS A 26 -7.03 -7.20 11.33
CA LYS A 26 -6.06 -6.70 10.39
C LYS A 26 -6.03 -7.48 9.06
N ARG A 27 -5.91 -8.81 9.15
CA ARG A 27 -5.84 -9.65 7.97
C ARG A 27 -7.18 -9.77 7.26
N PHE A 28 -8.26 -9.77 8.02
CA PHE A 28 -9.59 -9.86 7.45
C PHE A 28 -9.84 -8.64 6.59
N ARG A 29 -9.37 -7.51 7.06
CA ARG A 29 -9.53 -6.23 6.37
C ARG A 29 -8.74 -6.18 5.06
N GLU A 30 -7.55 -6.77 5.08
CA GLU A 30 -6.71 -6.82 3.88
C GLU A 30 -7.36 -7.69 2.82
N LEU A 31 -7.83 -8.85 3.23
CA LEU A 31 -8.47 -9.80 2.34
C LEU A 31 -9.73 -9.20 1.74
N ALA A 32 -10.40 -8.33 2.49
CA ALA A 32 -11.61 -7.70 1.99
C ALA A 32 -11.24 -6.87 0.77
N SER A 33 -10.14 -6.14 0.85
CA SER A 33 -9.67 -5.32 -0.25
C SER A 33 -9.09 -6.14 -1.39
N GLU A 34 -8.22 -7.10 -1.06
CA GLU A 34 -7.62 -7.94 -2.10
C GLU A 34 -8.74 -8.46 -3.00
N VAL A 35 -9.68 -9.19 -2.42
CA VAL A 35 -10.80 -9.76 -3.15
C VAL A 35 -11.59 -8.65 -3.86
N GLY A 36 -11.71 -7.50 -3.19
CA GLY A 36 -12.42 -6.38 -3.77
C GLY A 36 -11.72 -5.88 -5.01
N SER A 37 -10.39 -5.90 -5.02
CA SER A 37 -9.64 -5.46 -6.18
C SER A 37 -10.04 -6.36 -7.34
N LEU A 38 -9.83 -7.66 -7.14
CA LEU A 38 -10.13 -8.65 -8.14
C LEU A 38 -11.56 -8.57 -8.65
N LEU A 39 -12.51 -8.26 -7.77
CA LEU A 39 -13.90 -8.16 -8.19
C LEU A 39 -14.12 -7.00 -9.14
N THR A 40 -13.32 -5.94 -8.97
CA THR A 40 -13.45 -4.78 -9.83
C THR A 40 -12.99 -5.09 -11.23
N TYR A 41 -11.86 -5.78 -11.35
CA TYR A 41 -11.31 -6.15 -12.64
C TYR A 41 -12.42 -6.80 -13.49
N GLU A 42 -13.14 -7.72 -12.88
CA GLU A 42 -14.22 -8.40 -13.59
C GLU A 42 -15.34 -7.41 -13.92
N ALA A 43 -15.81 -6.69 -12.91
CA ALA A 43 -16.89 -5.73 -13.07
C ALA A 43 -16.61 -4.61 -14.08
N THR A 44 -15.34 -4.25 -14.25
CA THR A 44 -14.99 -3.15 -15.15
C THR A 44 -14.44 -3.59 -16.49
N ALA A 45 -14.72 -4.83 -16.88
CA ALA A 45 -14.23 -5.36 -18.14
C ALA A 45 -14.88 -4.72 -19.36
N ASP A 46 -16.08 -4.18 -19.18
CA ASP A 46 -16.83 -3.58 -20.27
C ASP A 46 -16.57 -2.09 -20.55
N LEU A 47 -15.76 -1.44 -19.73
CA LEU A 47 -15.50 -0.03 -19.95
C LEU A 47 -15.16 0.33 -21.41
N GLU A 48 -15.77 1.40 -21.90
CA GLU A 48 -15.54 1.87 -23.26
C GLU A 48 -14.24 2.67 -23.31
N THR A 49 -13.60 2.69 -24.48
CA THR A 49 -12.33 3.37 -24.65
C THR A 49 -12.29 4.29 -25.88
N GLU A 50 -11.28 5.14 -25.94
CA GLU A 50 -11.09 6.05 -27.06
C GLU A 50 -9.59 6.28 -27.32
N LYS A 51 -9.24 6.50 -28.57
CA LYS A 51 -7.84 6.71 -28.94
C LYS A 51 -7.40 8.15 -28.74
N VAL A 52 -6.15 8.32 -28.33
CA VAL A 52 -5.61 9.65 -28.10
C VAL A 52 -4.14 9.67 -28.52
N THR A 53 -3.64 10.86 -28.86
CA THR A 53 -2.24 11.00 -29.25
C THR A 53 -1.53 11.91 -28.29
N ILE A 54 -0.68 11.32 -27.45
CA ILE A 54 0.08 12.08 -26.48
C ILE A 54 1.50 12.13 -26.97
N GLU A 55 2.39 12.75 -26.19
CA GLU A 55 3.80 12.84 -26.55
C GLU A 55 4.56 11.72 -25.83
N GLY A 56 5.02 10.75 -26.60
CA GLY A 56 5.75 9.63 -26.03
C GLY A 56 7.21 9.90 -25.80
N TRP A 57 7.92 8.89 -25.30
CA TRP A 57 9.35 9.03 -25.03
C TRP A 57 10.09 9.17 -26.34
N ASN A 58 9.47 8.70 -27.42
CA ASN A 58 10.11 8.80 -28.72
C ASN A 58 9.21 9.48 -29.75
N GLY A 59 8.55 10.54 -29.33
CA GLY A 59 7.67 11.27 -30.24
C GLY A 59 6.21 10.88 -30.08
N PRO A 60 5.34 11.40 -30.96
CA PRO A 60 3.90 11.11 -30.92
C PRO A 60 3.57 9.62 -30.82
N VAL A 61 2.51 9.32 -30.07
CA VAL A 61 2.05 7.96 -29.86
C VAL A 61 0.55 7.99 -29.55
N GLU A 62 -0.19 7.05 -30.12
CA GLU A 62 -1.62 6.97 -29.87
C GLU A 62 -1.89 5.96 -28.76
N ILE A 63 -2.54 6.40 -27.69
CA ILE A 63 -2.83 5.53 -26.55
C ILE A 63 -4.32 5.40 -26.35
N ASP A 64 -4.71 4.58 -25.38
CA ASP A 64 -6.11 4.37 -25.05
C ASP A 64 -6.43 5.08 -23.74
N GLN A 65 -7.65 5.61 -23.67
CA GLN A 65 -8.15 6.29 -22.49
C GLN A 65 -9.56 5.82 -22.24
N ILE A 66 -9.90 5.63 -20.98
CA ILE A 66 -11.26 5.23 -20.68
C ILE A 66 -12.06 6.49 -21.02
N LYS A 67 -13.15 6.29 -21.75
CA LYS A 67 -14.00 7.39 -22.19
C LYS A 67 -15.04 7.82 -21.18
N GLY A 68 -15.43 9.08 -21.28
CA GLY A 68 -16.47 9.62 -20.42
C GLY A 68 -16.13 10.07 -19.02
N LYS A 69 -17.16 10.50 -18.30
CA LYS A 69 -17.02 10.96 -16.93
C LYS A 69 -16.66 9.86 -15.95
N LYS A 70 -15.70 10.18 -15.08
CA LYS A 70 -15.22 9.23 -14.08
C LYS A 70 -16.36 8.48 -13.39
N ILE A 71 -16.12 7.20 -13.10
CA ILE A 71 -17.13 6.41 -12.43
C ILE A 71 -17.14 6.80 -10.98
N THR A 72 -18.12 6.29 -10.25
CA THR A 72 -18.23 6.58 -8.84
C THR A 72 -18.42 5.29 -8.03
N VAL A 73 -17.61 5.14 -6.99
CA VAL A 73 -17.69 3.99 -6.11
C VAL A 73 -18.63 4.40 -4.97
N VAL A 74 -19.61 3.55 -4.67
CA VAL A 74 -20.56 3.87 -3.63
C VAL A 74 -20.45 2.86 -2.50
N PRO A 75 -19.63 3.15 -1.49
CA PRO A 75 -19.52 2.18 -0.39
C PRO A 75 -20.68 2.37 0.57
N ILE A 76 -21.30 1.27 0.99
CA ILE A 76 -22.41 1.38 1.94
C ILE A 76 -21.70 1.47 3.29
N LEU A 77 -21.87 2.59 3.97
CA LEU A 77 -21.16 2.83 5.22
C LEU A 77 -20.99 1.77 6.29
N ARG A 78 -19.71 1.74 6.67
CA ARG A 78 -18.95 0.92 7.60
C ARG A 78 -18.30 -0.26 6.89
N ALA A 79 -19.05 -1.37 6.82
CA ALA A 79 -18.53 -2.55 6.14
C ALA A 79 -17.99 -2.19 4.76
N GLY A 80 -18.75 -1.43 3.99
CA GLY A 80 -18.30 -1.04 2.66
C GLY A 80 -16.90 -0.46 2.55
N LEU A 81 -16.49 0.33 3.55
CA LEU A 81 -15.16 0.93 3.53
C LEU A 81 -14.07 -0.12 3.51
N GLY A 82 -14.39 -1.31 4.00
CA GLY A 82 -13.41 -2.37 4.04
C GLY A 82 -12.92 -2.83 2.69
N MET A 83 -13.69 -2.55 1.64
CA MET A 83 -13.31 -2.97 0.30
C MET A 83 -12.87 -1.82 -0.62
N MET A 84 -12.77 -0.61 -0.07
CA MET A 84 -12.38 0.54 -0.88
C MET A 84 -10.91 0.55 -1.29
N ASP A 85 -10.01 0.25 -0.38
CA ASP A 85 -8.59 0.26 -0.69
C ASP A 85 -8.32 -0.49 -2.00
N GLY A 86 -8.89 -1.69 -2.10
CA GLY A 86 -8.69 -2.50 -3.29
C GLY A 86 -9.41 -1.97 -4.52
N VAL A 87 -10.63 -1.49 -4.34
CA VAL A 87 -11.40 -0.96 -5.46
C VAL A 87 -10.71 0.27 -6.07
N LEU A 88 -10.20 1.16 -5.23
CA LEU A 88 -9.52 2.37 -5.70
C LEU A 88 -8.11 2.12 -6.25
N GLU A 89 -7.58 0.92 -6.08
CA GLU A 89 -6.27 0.61 -6.62
C GLU A 89 -6.47 0.38 -8.10
N ASN A 90 -7.71 0.09 -8.48
CA ASN A 90 -8.03 -0.14 -9.89
C ASN A 90 -8.51 1.14 -10.55
N VAL A 91 -9.37 1.87 -9.85
CA VAL A 91 -9.89 3.14 -10.36
C VAL A 91 -9.59 4.25 -9.37
N PRO A 92 -8.30 4.62 -9.22
CA PRO A 92 -7.87 5.68 -8.30
C PRO A 92 -8.48 7.07 -8.51
N SER A 93 -9.00 7.33 -9.71
CA SER A 93 -9.60 8.63 -10.00
C SER A 93 -11.11 8.66 -9.77
N ALA A 94 -11.68 7.52 -9.40
CA ALA A 94 -13.10 7.42 -9.18
C ALA A 94 -13.59 8.37 -8.09
N ARG A 95 -14.84 8.79 -8.22
CA ARG A 95 -15.46 9.68 -7.26
C ARG A 95 -16.18 8.82 -6.22
N ILE A 96 -15.93 9.10 -4.95
CA ILE A 96 -16.54 8.33 -3.88
C ILE A 96 -17.83 8.92 -3.37
N SER A 97 -18.90 8.15 -3.46
CA SER A 97 -20.21 8.59 -2.97
C SER A 97 -20.57 7.73 -1.78
N VAL A 98 -20.47 8.26 -0.58
CA VAL A 98 -20.79 7.47 0.59
C VAL A 98 -22.27 7.49 0.87
N VAL A 99 -22.80 6.33 1.24
CA VAL A 99 -24.21 6.16 1.58
C VAL A 99 -24.18 5.28 2.84
N GLY A 100 -24.62 5.84 3.95
CA GLY A 100 -24.61 5.08 5.18
C GLY A 100 -25.99 4.68 5.65
N MET A 101 -26.10 3.42 6.06
CA MET A 101 -27.36 2.90 6.57
C MET A 101 -27.03 1.58 7.26
N TYR A 102 -27.78 1.26 8.31
CA TYR A 102 -27.55 0.02 9.05
C TYR A 102 -28.81 -0.81 9.05
N ARG A 103 -28.65 -2.10 9.31
CA ARG A 103 -29.80 -2.99 9.33
C ARG A 103 -30.41 -3.10 10.70
N ASN A 104 -31.74 -3.14 10.70
CA ASN A 104 -32.50 -3.28 11.93
C ASN A 104 -32.40 -4.76 12.27
N GLU A 105 -31.59 -5.06 13.27
CA GLU A 105 -31.31 -6.32 13.71
C GLU A 105 -32.70 -7.14 14.05
N GLU A 106 -33.75 -6.34 14.30
CA GLU A 106 -35.08 -6.84 14.63
C GLU A 106 -35.93 -7.12 13.40
N THR A 107 -36.33 -6.04 12.71
CA THR A 107 -37.16 -6.13 11.52
C THR A 107 -36.38 -6.55 10.28
N LEU A 108 -35.06 -6.57 10.38
CA LEU A 108 -34.18 -6.96 9.27
C LEU A 108 -34.21 -5.99 8.10
N GLU A 109 -34.55 -4.73 8.36
CA GLU A 109 -34.59 -3.74 7.30
C GLU A 109 -33.57 -2.61 7.45
N PRO A 110 -33.28 -1.92 6.34
CA PRO A 110 -32.32 -0.80 6.34
C PRO A 110 -32.80 0.51 6.94
N VAL A 111 -31.90 1.14 7.69
CA VAL A 111 -32.16 2.42 8.34
C VAL A 111 -31.12 3.39 7.78
N PRO A 112 -31.55 4.29 6.88
CA PRO A 112 -30.58 5.25 6.33
C PRO A 112 -30.18 6.28 7.37
N TYR A 113 -28.97 6.80 7.26
CA TYR A 113 -28.54 7.82 8.21
C TYR A 113 -27.64 8.88 7.60
N PHE A 114 -27.30 8.72 6.32
CA PHE A 114 -26.45 9.68 5.64
C PHE A 114 -26.17 9.31 4.20
N GLN A 115 -25.97 10.30 3.36
CA GLN A 115 -25.67 10.08 1.95
C GLN A 115 -25.05 11.31 1.32
N LYS A 116 -24.01 11.13 0.54
CA LYS A 116 -23.33 12.23 -0.15
C LYS A 116 -22.79 11.73 -1.48
N LEU A 117 -23.62 11.82 -2.51
CA LEU A 117 -23.30 11.35 -3.86
C LEU A 117 -22.54 12.37 -4.68
N VAL A 118 -21.85 11.90 -5.70
CA VAL A 118 -21.11 12.79 -6.58
C VAL A 118 -22.17 13.53 -7.37
N SER A 119 -21.75 14.55 -8.11
CA SER A 119 -22.68 15.30 -8.93
C SER A 119 -22.60 14.80 -10.37
N ASN A 120 -23.69 14.99 -11.11
CA ASN A 120 -23.77 14.57 -12.50
C ASN A 120 -23.76 13.05 -12.56
N ILE A 121 -24.47 12.43 -11.63
CA ILE A 121 -24.54 10.98 -11.59
C ILE A 121 -25.19 10.43 -12.85
N ASP A 122 -26.01 11.24 -13.51
CA ASP A 122 -26.68 10.82 -14.75
C ASP A 122 -25.65 10.22 -15.70
N GLU A 123 -24.56 10.95 -15.94
CA GLU A 123 -23.51 10.51 -16.84
C GLU A 123 -22.40 9.70 -16.16
N ARG A 124 -22.73 8.96 -15.11
CA ARG A 124 -21.72 8.18 -14.41
C ARG A 124 -22.15 6.75 -14.15
N MET A 125 -21.19 5.83 -14.19
CA MET A 125 -21.46 4.43 -13.89
C MET A 125 -21.22 4.35 -12.38
N ALA A 126 -22.01 3.54 -11.67
CA ALA A 126 -21.85 3.42 -10.22
C ALA A 126 -21.54 2.00 -9.76
N LEU A 127 -20.54 1.87 -8.88
CA LEU A 127 -20.15 0.58 -8.32
C LEU A 127 -20.48 0.51 -6.85
N ILE A 128 -21.58 -0.15 -6.51
CA ILE A 128 -21.96 -0.29 -5.13
C ILE A 128 -21.10 -1.37 -4.50
N VAL A 129 -20.38 -1.02 -3.45
CA VAL A 129 -19.51 -2.00 -2.80
C VAL A 129 -19.95 -2.26 -1.37
N ASP A 130 -20.42 -3.48 -1.13
CA ASP A 130 -20.87 -3.89 0.19
C ASP A 130 -20.46 -5.34 0.41
N PRO A 131 -19.90 -5.64 1.59
CA PRO A 131 -19.44 -6.97 2.01
C PRO A 131 -20.41 -8.14 1.84
N MET A 132 -21.65 -8.00 2.29
CA MET A 132 -22.59 -9.11 2.17
C MET A 132 -23.99 -8.73 1.73
N LEU A 133 -24.59 -9.60 0.92
CA LEU A 133 -25.94 -9.42 0.40
C LEU A 133 -26.84 -10.51 0.99
N ALA A 134 -27.32 -10.28 2.21
CA ALA A 134 -28.17 -11.25 2.90
C ALA A 134 -29.62 -11.18 2.43
N THR A 135 -30.35 -10.20 2.92
CA THR A 135 -31.75 -10.02 2.54
C THR A 135 -31.77 -9.14 1.30
N GLY A 136 -30.75 -8.29 1.18
CA GLY A 136 -30.65 -7.41 0.03
C GLY A 136 -31.31 -6.08 0.32
N GLY A 137 -31.84 -5.93 1.53
CA GLY A 137 -32.50 -4.70 1.90
C GLY A 137 -31.62 -3.47 1.77
N SER A 138 -30.34 -3.60 2.09
CA SER A 138 -29.42 -2.47 2.02
C SER A 138 -29.10 -2.10 0.59
N VAL A 139 -28.57 -3.05 -0.19
CA VAL A 139 -28.22 -2.80 -1.58
C VAL A 139 -29.42 -2.23 -2.32
N ILE A 140 -30.57 -2.87 -2.15
CA ILE A 140 -31.80 -2.43 -2.81
C ILE A 140 -32.19 -1.02 -2.40
N ALA A 141 -32.07 -0.73 -1.11
CA ALA A 141 -32.40 0.60 -0.61
C ALA A 141 -31.49 1.65 -1.25
N THR A 142 -30.21 1.36 -1.35
CA THR A 142 -29.29 2.32 -1.94
C THR A 142 -29.44 2.41 -3.46
N ILE A 143 -29.79 1.31 -4.11
CA ILE A 143 -29.98 1.39 -5.55
C ILE A 143 -31.10 2.39 -5.76
N ASP A 144 -32.14 2.29 -4.93
CA ASP A 144 -33.27 3.20 -5.01
C ASP A 144 -32.81 4.66 -5.00
N LEU A 145 -31.92 4.98 -4.06
CA LEU A 145 -31.40 6.35 -3.92
C LEU A 145 -30.66 6.84 -5.16
N LEU A 146 -29.83 5.97 -5.74
CA LEU A 146 -29.05 6.30 -6.92
C LEU A 146 -29.92 6.46 -8.14
N LYS A 147 -30.86 5.54 -8.31
CA LYS A 147 -31.75 5.65 -9.46
C LYS A 147 -32.60 6.91 -9.31
N LYS A 148 -32.88 7.31 -8.09
CA LYS A 148 -33.67 8.51 -7.89
C LYS A 148 -32.81 9.71 -8.27
N ALA A 149 -31.52 9.62 -7.98
CA ALA A 149 -30.60 10.70 -8.29
C ALA A 149 -30.23 10.72 -9.77
N GLY A 150 -30.81 9.82 -10.55
CA GLY A 150 -30.53 9.80 -11.97
C GLY A 150 -29.52 8.82 -12.55
N CYS A 151 -28.99 7.92 -11.73
CA CYS A 151 -28.01 6.97 -12.23
C CYS A 151 -28.74 5.87 -12.99
N SER A 152 -28.19 5.47 -14.13
CA SER A 152 -28.83 4.41 -14.92
C SER A 152 -28.01 3.12 -15.06
N SER A 153 -26.69 3.20 -14.99
CA SER A 153 -25.88 2.00 -15.09
C SER A 153 -25.22 1.68 -13.74
N ILE A 154 -25.74 0.66 -13.07
CA ILE A 154 -25.24 0.30 -11.75
C ILE A 154 -24.72 -1.13 -11.69
N LYS A 155 -23.63 -1.32 -10.93
CA LYS A 155 -23.06 -2.66 -10.74
C LYS A 155 -22.83 -2.84 -9.25
N VAL A 156 -23.10 -4.06 -8.75
CA VAL A 156 -22.92 -4.34 -7.33
C VAL A 156 -21.81 -5.35 -7.07
N LEU A 157 -20.83 -4.97 -6.26
CA LEU A 157 -19.74 -5.87 -5.93
C LEU A 157 -19.98 -6.38 -4.51
N VAL A 158 -19.97 -7.69 -4.33
CA VAL A 158 -20.22 -8.27 -3.02
C VAL A 158 -19.28 -9.45 -2.74
N LEU A 159 -19.00 -9.71 -1.47
CA LEU A 159 -18.14 -10.83 -1.12
C LEU A 159 -18.98 -12.12 -1.08
N VAL A 160 -20.04 -12.13 -0.29
CA VAL A 160 -20.92 -13.30 -0.21
C VAL A 160 -22.38 -12.89 -0.43
N ALA A 161 -23.14 -13.77 -1.07
CA ALA A 161 -24.56 -13.50 -1.37
C ALA A 161 -25.49 -14.67 -1.09
N ALA A 162 -26.62 -14.38 -0.47
CA ALA A 162 -27.61 -15.39 -0.18
C ALA A 162 -28.54 -15.42 -1.37
N PRO A 163 -29.03 -16.61 -1.75
CA PRO A 163 -29.94 -16.70 -2.89
C PRO A 163 -31.18 -15.85 -2.65
N GLU A 164 -31.59 -15.77 -1.39
CA GLU A 164 -32.74 -14.99 -0.95
C GLU A 164 -32.57 -13.53 -1.37
N GLY A 165 -31.39 -12.99 -1.12
CA GLY A 165 -31.10 -11.61 -1.48
C GLY A 165 -30.94 -11.41 -2.96
N ILE A 166 -30.29 -12.37 -3.63
CA ILE A 166 -30.10 -12.28 -5.07
C ILE A 166 -31.47 -12.30 -5.73
N ALA A 167 -32.37 -13.07 -5.14
CA ALA A 167 -33.73 -13.18 -5.65
C ALA A 167 -34.48 -11.89 -5.45
N ALA A 168 -34.23 -11.22 -4.33
CA ALA A 168 -34.88 -9.95 -4.00
C ALA A 168 -34.33 -8.83 -4.87
N LEU A 169 -33.01 -8.78 -4.98
CA LEU A 169 -32.35 -7.76 -5.77
C LEU A 169 -32.79 -7.85 -7.21
N GLU A 170 -33.00 -9.06 -7.67
CA GLU A 170 -33.40 -9.30 -9.04
C GLU A 170 -34.81 -8.84 -9.40
N LYS A 171 -35.77 -9.08 -8.52
CA LYS A 171 -37.15 -8.69 -8.82
C LYS A 171 -37.44 -7.23 -8.51
N ALA A 172 -36.44 -6.55 -7.97
CA ALA A 172 -36.58 -5.13 -7.64
C ALA A 172 -35.84 -4.29 -8.68
N HIS A 173 -34.64 -4.72 -9.04
CA HIS A 173 -33.82 -4.00 -10.02
C HIS A 173 -33.07 -4.97 -10.93
N PRO A 174 -33.79 -5.66 -11.82
CA PRO A 174 -33.19 -6.62 -12.75
C PRO A 174 -32.21 -6.02 -13.74
N ASP A 175 -32.25 -4.70 -13.89
CA ASP A 175 -31.38 -3.99 -14.81
C ASP A 175 -30.02 -3.71 -14.19
N VAL A 176 -29.76 -4.36 -13.04
CA VAL A 176 -28.52 -4.20 -12.30
C VAL A 176 -27.63 -5.43 -12.56
N GLU A 177 -26.33 -5.30 -12.32
CA GLU A 177 -25.41 -6.42 -12.49
C GLU A 177 -24.78 -6.79 -11.16
N LEU A 178 -24.84 -8.06 -10.80
CA LEU A 178 -24.28 -8.50 -9.52
C LEU A 178 -22.97 -9.26 -9.73
N TYR A 179 -21.95 -8.88 -8.99
CA TYR A 179 -20.65 -9.56 -9.06
C TYR A 179 -20.31 -9.99 -7.66
N THR A 180 -20.39 -11.29 -7.40
CA THR A 180 -20.11 -11.81 -6.08
C THR A 180 -18.93 -12.77 -6.14
N ALA A 181 -18.25 -12.94 -5.02
CA ALA A 181 -17.10 -13.83 -4.94
C ALA A 181 -17.56 -15.22 -4.54
N SER A 182 -18.83 -15.33 -4.21
CA SER A 182 -19.40 -16.59 -3.79
C SER A 182 -20.87 -16.47 -3.42
N ILE A 183 -21.65 -17.46 -3.83
CA ILE A 183 -23.08 -17.51 -3.52
C ILE A 183 -23.20 -18.56 -2.42
N ASP A 184 -23.71 -18.18 -1.26
CA ASP A 184 -23.82 -19.14 -0.16
C ASP A 184 -25.18 -19.84 -0.11
N GLN A 185 -25.34 -20.74 0.86
CA GLN A 185 -26.56 -21.53 1.01
C GLN A 185 -27.86 -20.79 1.32
N GLY A 186 -27.82 -19.85 2.25
CA GLY A 186 -29.03 -19.12 2.59
C GLY A 186 -28.87 -18.37 3.88
N LEU A 187 -29.98 -17.88 4.45
CA LEU A 187 -29.93 -17.14 5.71
C LEU A 187 -30.40 -18.03 6.84
N ASN A 188 -29.95 -17.73 8.06
CA ASN A 188 -30.38 -18.51 9.21
C ASN A 188 -31.54 -17.75 9.86
N GLU A 189 -31.97 -18.23 11.02
CA GLU A 189 -33.08 -17.63 11.76
C GLU A 189 -32.99 -16.11 11.84
N HIS A 190 -31.85 -15.62 12.32
CA HIS A 190 -31.65 -14.17 12.57
C HIS A 190 -31.15 -13.37 11.34
N GLY A 191 -31.27 -13.92 10.14
CA GLY A 191 -30.88 -13.22 8.94
C GLY A 191 -29.42 -13.14 8.54
N TYR A 192 -28.58 -14.06 9.00
CA TYR A 192 -27.18 -14.05 8.63
C TYR A 192 -26.86 -15.09 7.58
N ILE A 193 -25.95 -14.75 6.67
CA ILE A 193 -25.57 -15.66 5.61
C ILE A 193 -24.77 -16.84 6.18
N ILE A 194 -25.11 -18.05 5.72
CA ILE A 194 -24.42 -19.27 6.15
C ILE A 194 -23.92 -20.03 4.92
N PRO A 195 -22.63 -20.43 4.92
CA PRO A 195 -21.62 -20.24 5.96
C PRO A 195 -21.41 -18.76 6.27
N GLY A 196 -21.37 -17.94 5.21
CA GLY A 196 -21.17 -16.51 5.37
C GLY A 196 -19.86 -16.22 6.06
N LEU A 197 -19.71 -15.03 6.63
CA LEU A 197 -18.47 -14.70 7.31
C LEU A 197 -18.62 -13.71 8.48
N GLY A 198 -19.58 -13.97 9.35
CA GLY A 198 -19.82 -13.14 10.53
C GLY A 198 -20.27 -11.71 10.35
N ASP A 199 -19.94 -10.87 11.33
CA ASP A 199 -20.30 -9.46 11.29
C ASP A 199 -19.20 -8.73 10.54
N ALA A 200 -19.27 -8.78 9.21
CA ALA A 200 -18.28 -8.15 8.35
C ALA A 200 -17.96 -6.74 8.83
N GLY A 201 -19.00 -6.02 9.28
CA GLY A 201 -18.79 -4.68 9.77
C GLY A 201 -17.96 -4.69 11.05
N ASP A 202 -18.40 -5.49 12.01
CA ASP A 202 -17.69 -5.57 13.26
C ASP A 202 -16.26 -6.08 13.10
N LYS A 203 -16.06 -7.06 12.23
CA LYS A 203 -14.72 -7.62 12.04
C LYS A 203 -13.74 -6.69 11.35
N ILE A 204 -14.24 -5.86 10.43
CA ILE A 204 -13.39 -4.92 9.74
C ILE A 204 -12.91 -3.84 10.69
N PHE A 205 -13.82 -3.34 11.51
CA PHE A 205 -13.55 -2.27 12.48
C PHE A 205 -13.10 -2.72 13.87
N GLY A 206 -13.35 -3.97 14.20
CA GLY A 206 -12.95 -4.47 15.50
C GLY A 206 -13.88 -4.05 16.63
N THR A 207 -15.14 -3.82 16.32
CA THR A 207 -16.09 -3.43 17.35
C THR A 207 -16.89 -4.63 17.86
N LYS A 208 -17.62 -4.43 18.95
CA LYS A 208 -18.44 -5.50 19.54
C LYS A 208 -19.86 -5.01 19.79
N LYS B 1 -4.36 21.81 26.35
CA LYS B 1 -3.25 22.71 26.74
C LYS B 1 -2.01 22.30 25.94
N LYS B 2 -1.70 21.00 25.94
CA LYS B 2 -0.55 20.52 25.19
C LYS B 2 -0.86 20.58 23.70
N ILE B 3 -0.05 21.34 22.97
CA ILE B 3 -0.23 21.48 21.53
C ILE B 3 1.10 21.16 20.91
N VAL B 4 1.06 20.48 19.76
CA VAL B 4 2.30 20.10 19.09
C VAL B 4 2.20 20.27 17.60
N GLU B 5 3.00 21.19 17.07
CA GLU B 5 3.07 21.42 15.65
C GLU B 5 4.32 20.68 15.15
N VAL B 6 4.11 19.54 14.50
CA VAL B 6 5.22 18.75 13.98
C VAL B 6 5.97 19.56 12.95
N LYS B 7 7.23 19.86 13.24
CA LYS B 7 8.03 20.68 12.36
C LYS B 7 9.02 19.88 11.51
N HIS B 8 8.80 18.57 11.42
CA HIS B 8 9.69 17.73 10.64
C HIS B 8 9.70 18.18 9.19
N PRO B 9 10.88 18.38 8.59
CA PRO B 9 11.00 18.81 7.20
C PRO B 9 10.24 17.96 6.18
N LEU B 10 9.91 16.73 6.55
CA LEU B 10 9.16 15.86 5.64
C LEU B 10 7.69 16.17 5.77
N VAL B 11 7.29 16.60 6.96
CA VAL B 11 5.91 16.95 7.23
C VAL B 11 5.57 18.28 6.57
N LYS B 12 6.53 19.20 6.55
CA LYS B 12 6.33 20.51 5.92
C LYS B 12 6.31 20.36 4.41
N HIS B 13 7.15 19.46 3.91
CA HIS B 13 7.25 19.22 2.48
C HIS B 13 5.99 18.58 1.94
N LYS B 14 5.48 17.56 2.64
CA LYS B 14 4.27 16.89 2.19
C LYS B 14 3.03 17.79 2.34
N LEU B 15 3.06 18.69 3.31
CA LEU B 15 1.93 19.57 3.50
C LEU B 15 1.94 20.63 2.41
N GLY B 16 3.13 21.04 2.01
CA GLY B 16 3.26 22.04 0.97
C GLY B 16 2.66 21.52 -0.32
N LEU B 17 3.00 20.28 -0.68
CA LEU B 17 2.46 19.67 -1.88
C LEU B 17 0.95 19.68 -1.82
N MET B 18 0.39 19.46 -0.63
CA MET B 18 -1.05 19.46 -0.48
C MET B 18 -1.67 20.84 -0.76
N ARG B 19 -0.88 21.89 -0.61
CA ARG B 19 -1.34 23.26 -0.82
C ARG B 19 -1.65 23.62 -2.27
N GLU B 20 -1.00 22.96 -3.22
CA GLU B 20 -1.24 23.22 -4.65
C GLU B 20 -2.71 23.07 -5.00
N GLN B 21 -3.24 23.98 -5.81
CA GLN B 21 -4.66 23.93 -6.17
C GLN B 21 -4.98 22.88 -7.22
N ASP B 22 -4.07 22.72 -8.17
CA ASP B 22 -4.23 21.78 -9.26
C ASP B 22 -4.09 20.30 -8.86
N ILE B 23 -3.62 20.06 -7.63
CA ILE B 23 -3.43 18.70 -7.16
C ILE B 23 -4.64 17.80 -7.44
N SER B 24 -4.40 16.50 -7.52
CA SER B 24 -5.48 15.55 -7.79
C SER B 24 -5.98 14.88 -6.52
N THR B 25 -7.22 14.42 -6.56
CA THR B 25 -7.84 13.74 -5.43
C THR B 25 -7.00 12.55 -5.01
N LYS B 26 -6.52 11.79 -5.99
CA LYS B 26 -5.71 10.61 -5.69
C LYS B 26 -4.44 11.00 -4.94
N ARG B 27 -3.67 11.93 -5.49
CA ARG B 27 -2.44 12.34 -4.86
C ARG B 27 -2.71 12.96 -3.49
N PHE B 28 -3.68 13.86 -3.45
CA PHE B 28 -4.07 14.56 -2.23
C PHE B 28 -4.46 13.58 -1.12
N ARG B 29 -5.29 12.60 -1.47
CA ARG B 29 -5.74 11.58 -0.51
C ARG B 29 -4.55 10.78 0.04
N GLU B 30 -3.56 10.58 -0.82
CA GLU B 30 -2.35 9.83 -0.50
C GLU B 30 -1.42 10.58 0.44
N LEU B 31 -1.31 11.88 0.26
CA LEU B 31 -0.44 12.68 1.12
C LEU B 31 -1.08 12.83 2.51
N ALA B 32 -2.41 12.82 2.55
CA ALA B 32 -3.15 12.93 3.79
C ALA B 32 -2.78 11.81 4.75
N SER B 33 -2.64 10.59 4.21
CA SER B 33 -2.28 9.43 4.99
C SER B 33 -0.81 9.45 5.38
N GLU B 34 0.03 9.89 4.44
CA GLU B 34 1.44 9.97 4.71
C GLU B 34 1.66 10.91 5.89
N VAL B 35 1.07 12.10 5.84
CA VAL B 35 1.25 13.02 6.95
C VAL B 35 0.56 12.46 8.19
N GLY B 36 -0.57 11.80 8.00
CA GLY B 36 -1.29 11.21 9.12
C GLY B 36 -0.47 10.17 9.86
N SER B 37 0.34 9.40 9.14
CA SER B 37 1.18 8.38 9.78
C SER B 37 2.20 9.04 10.67
N LEU B 38 2.91 10.00 10.11
CA LEU B 38 3.92 10.74 10.84
C LEU B 38 3.32 11.38 12.09
N LEU B 39 2.12 11.93 11.96
CA LEU B 39 1.46 12.53 13.10
C LEU B 39 1.22 11.48 14.17
N THR B 40 0.87 10.28 13.73
CA THR B 40 0.61 9.19 14.67
C THR B 40 1.88 8.83 15.40
N TYR B 41 2.98 8.80 14.67
CA TYR B 41 4.28 8.47 15.24
C TYR B 41 4.61 9.46 16.35
N GLU B 42 4.34 10.73 16.07
CA GLU B 42 4.58 11.83 16.99
C GLU B 42 3.72 11.75 18.25
N ALA B 43 2.45 11.37 18.07
CA ALA B 43 1.50 11.27 19.16
C ALA B 43 1.59 9.98 19.97
N THR B 44 2.18 8.93 19.41
CA THR B 44 2.29 7.66 20.12
C THR B 44 3.66 7.42 20.73
N ALA B 45 4.49 8.46 20.79
CA ALA B 45 5.83 8.32 21.32
C ALA B 45 5.88 8.09 22.82
N ASP B 46 4.78 8.37 23.50
CA ASP B 46 4.72 8.21 24.96
C ASP B 46 4.00 6.95 25.44
N LEU B 47 3.64 6.06 24.53
CA LEU B 47 2.97 4.83 24.93
C LEU B 47 3.90 3.98 25.79
N GLU B 48 3.32 3.26 26.75
CA GLU B 48 4.11 2.40 27.62
C GLU B 48 4.38 1.04 27.00
N THR B 49 5.46 0.44 27.48
CA THR B 49 5.90 -0.87 27.03
C THR B 49 5.99 -1.83 28.21
N GLU B 50 6.05 -3.11 27.90
CA GLU B 50 6.17 -4.15 28.93
C GLU B 50 6.99 -5.26 28.29
N LYS B 51 7.94 -5.81 29.03
CA LYS B 51 8.77 -6.88 28.49
C LYS B 51 8.01 -8.20 28.51
N VAL B 52 8.35 -9.09 27.59
CA VAL B 52 7.70 -10.39 27.47
C VAL B 52 8.68 -11.36 26.80
N THR B 53 8.73 -12.61 27.25
CA THR B 53 9.63 -13.60 26.65
C THR B 53 8.92 -14.58 25.74
N ILE B 54 9.35 -14.60 24.48
CA ILE B 54 8.76 -15.47 23.48
C ILE B 54 9.83 -16.36 22.86
N GLU B 55 9.40 -17.35 22.10
CA GLU B 55 10.32 -18.26 21.44
C GLU B 55 10.81 -17.58 20.17
N GLY B 56 12.11 -17.33 20.10
CA GLY B 56 12.67 -16.69 18.94
C GLY B 56 13.14 -17.68 17.89
N TRP B 57 13.83 -17.17 16.87
CA TRP B 57 14.33 -18.02 15.80
C TRP B 57 15.45 -18.92 16.32
N ASN B 58 16.20 -18.43 17.30
CA ASN B 58 17.31 -19.19 17.87
C ASN B 58 17.11 -19.41 19.37
N GLY B 59 15.87 -19.66 19.78
CA GLY B 59 15.59 -19.86 21.18
C GLY B 59 14.91 -18.68 21.84
N PRO B 60 14.75 -18.69 23.17
CA PRO B 60 14.12 -17.63 23.96
C PRO B 60 14.67 -16.25 23.68
N VAL B 61 13.77 -15.27 23.65
CA VAL B 61 14.11 -13.87 23.41
C VAL B 61 13.17 -13.00 24.24
N GLU B 62 13.72 -11.95 24.83
CA GLU B 62 12.90 -11.03 25.61
C GLU B 62 12.55 -9.88 24.68
N ILE B 63 11.27 -9.58 24.54
CA ILE B 63 10.85 -8.51 23.65
C ILE B 63 10.02 -7.48 24.36
N ASP B 64 9.85 -6.33 23.72
CA ASP B 64 9.06 -5.24 24.25
C ASP B 64 7.77 -5.22 23.43
N GLN B 65 6.68 -4.83 24.08
CA GLN B 65 5.42 -4.70 23.39
C GLN B 65 4.62 -3.67 24.14
N ILE B 66 3.68 -3.06 23.43
CA ILE B 66 2.84 -2.05 24.00
C ILE B 66 1.93 -2.63 25.07
N LYS B 67 1.73 -1.86 26.12
CA LYS B 67 0.92 -2.26 27.25
C LYS B 67 -0.50 -1.69 27.21
N GLY B 68 -1.40 -2.36 27.93
CA GLY B 68 -2.77 -1.89 28.02
C GLY B 68 -3.72 -2.36 26.95
N LYS B 69 -4.97 -1.90 27.07
CA LYS B 69 -6.04 -2.23 26.14
C LYS B 69 -5.68 -1.61 24.78
N LYS B 70 -6.10 -2.24 23.70
CA LYS B 70 -5.83 -1.68 22.39
C LYS B 70 -6.45 -0.30 22.33
N ILE B 71 -5.80 0.61 21.61
CA ILE B 71 -6.31 1.97 21.51
C ILE B 71 -7.43 1.98 20.46
N THR B 72 -8.19 3.07 20.42
CA THR B 72 -9.24 3.17 19.43
C THR B 72 -9.04 4.46 18.63
N VAL B 73 -9.18 4.38 17.31
CA VAL B 73 -9.03 5.55 16.47
C VAL B 73 -10.43 6.04 16.13
N VAL B 74 -10.65 7.33 16.27
CA VAL B 74 -11.96 7.88 15.99
C VAL B 74 -11.95 8.86 14.83
N PRO B 75 -12.12 8.37 13.61
CA PRO B 75 -12.13 9.27 12.47
C PRO B 75 -13.50 9.94 12.41
N ILE B 76 -13.53 11.27 12.32
CA ILE B 76 -14.81 11.97 12.24
C ILE B 76 -15.26 11.79 10.80
N LEU B 77 -16.32 11.02 10.65
CA LEU B 77 -16.89 10.63 9.37
C LEU B 77 -16.78 11.54 8.17
N ARG B 78 -16.31 10.90 7.09
CA ARG B 78 -16.01 11.47 5.80
C ARG B 78 -14.57 11.87 5.79
N ALA B 79 -14.31 13.16 5.89
CA ALA B 79 -12.93 13.66 5.87
C ALA B 79 -11.95 12.77 6.64
N GLY B 80 -12.30 12.43 7.87
CA GLY B 80 -11.43 11.61 8.70
C GLY B 80 -10.95 10.30 8.11
N LEU B 81 -11.72 9.74 7.18
CA LEU B 81 -11.38 8.49 6.52
C LEU B 81 -10.20 8.65 5.59
N GLY B 82 -9.95 9.88 5.17
CA GLY B 82 -8.86 10.14 4.24
C GLY B 82 -7.51 9.94 4.86
N MET B 83 -7.44 9.98 6.18
CA MET B 83 -6.17 9.81 6.88
C MET B 83 -6.04 8.45 7.54
N MET B 84 -7.15 7.71 7.61
CA MET B 84 -7.17 6.40 8.25
C MET B 84 -6.07 5.44 7.83
N ASP B 85 -5.87 5.31 6.53
CA ASP B 85 -4.84 4.42 6.02
C ASP B 85 -3.52 4.61 6.76
N GLY B 86 -2.98 5.81 6.69
CA GLY B 86 -1.73 6.12 7.38
C GLY B 86 -1.72 5.81 8.86
N VAL B 87 -2.75 6.25 9.58
CA VAL B 87 -2.84 6.01 11.01
C VAL B 87 -2.76 4.52 11.33
N LEU B 88 -3.65 3.75 10.73
CA LEU B 88 -3.68 2.31 10.95
C LEU B 88 -2.36 1.62 10.68
N GLU B 89 -1.54 2.17 9.78
CA GLU B 89 -0.26 1.54 9.48
C GLU B 89 0.67 1.51 10.67
N ASN B 90 0.43 2.39 11.63
CA ASN B 90 1.26 2.45 12.81
C ASN B 90 0.64 1.68 13.95
N VAL B 91 -0.67 1.47 13.86
CA VAL B 91 -1.41 0.71 14.87
C VAL B 91 -2.55 -0.05 14.20
N PRO B 92 -2.21 -1.06 13.39
CA PRO B 92 -3.23 -1.85 12.69
C PRO B 92 -4.24 -2.54 13.61
N SER B 93 -3.78 -2.93 14.80
CA SER B 93 -4.61 -3.59 15.81
C SER B 93 -5.64 -2.66 16.46
N ALA B 94 -5.59 -1.39 16.09
CA ALA B 94 -6.50 -0.39 16.65
C ALA B 94 -7.97 -0.66 16.35
N ARG B 95 -8.82 -0.27 17.30
CA ARG B 95 -10.26 -0.42 17.18
C ARG B 95 -10.82 0.84 16.58
N ILE B 96 -11.42 0.71 15.40
CA ILE B 96 -11.96 1.86 14.71
C ILE B 96 -13.37 2.22 15.18
N SER B 97 -13.47 3.34 15.89
CA SER B 97 -14.75 3.85 16.40
C SER B 97 -15.11 5.06 15.55
N VAL B 98 -16.03 4.91 14.59
CA VAL B 98 -16.39 6.02 13.73
C VAL B 98 -17.51 6.91 14.27
N VAL B 99 -17.46 8.17 13.86
CA VAL B 99 -18.44 9.17 14.27
C VAL B 99 -18.75 10.12 13.11
N GLY B 100 -20.02 10.23 12.77
CA GLY B 100 -20.38 11.11 11.67
C GLY B 100 -21.12 12.36 12.07
N MET B 101 -20.66 13.49 11.56
CA MET B 101 -21.30 14.77 11.82
C MET B 101 -20.75 15.80 10.86
N TYR B 102 -21.64 16.42 10.10
CA TYR B 102 -21.25 17.44 9.14
C TYR B 102 -21.55 18.79 9.76
N ARG B 103 -20.82 19.80 9.33
CA ARG B 103 -21.00 21.12 9.89
C ARG B 103 -22.09 21.89 9.18
N ASN B 104 -22.99 22.47 9.97
CA ASN B 104 -24.08 23.28 9.44
C ASN B 104 -23.38 24.49 8.84
N GLU B 105 -23.43 24.61 7.52
CA GLU B 105 -22.58 25.72 7.01
C GLU B 105 -23.27 27.11 7.16
N GLU B 106 -24.53 27.22 7.58
CA GLU B 106 -25.10 28.51 7.96
C GLU B 106 -24.76 28.88 9.40
N THR B 107 -25.02 27.95 10.32
CA THR B 107 -24.75 28.17 11.74
C THR B 107 -23.37 27.68 12.19
N LEU B 108 -22.54 27.26 11.24
CA LEU B 108 -21.20 26.77 11.56
C LEU B 108 -21.12 25.89 12.81
N GLU B 109 -22.13 25.05 13.02
CA GLU B 109 -22.15 24.17 14.17
C GLU B 109 -22.40 22.74 13.73
N PRO B 110 -21.83 21.76 14.44
CA PRO B 110 -21.99 20.34 14.09
C PRO B 110 -23.41 19.79 14.14
N VAL B 111 -23.66 18.77 13.32
CA VAL B 111 -24.94 18.08 13.24
C VAL B 111 -24.62 16.60 13.29
N PRO B 112 -24.76 15.98 14.47
CA PRO B 112 -24.47 14.55 14.67
C PRO B 112 -25.42 13.69 13.86
N TYR B 113 -24.94 12.54 13.39
CA TYR B 113 -25.81 11.65 12.63
C TYR B 113 -25.48 10.17 12.76
N PHE B 114 -24.28 9.86 13.25
CA PHE B 114 -23.91 8.47 13.42
C PHE B 114 -22.74 8.30 14.36
N GLN B 115 -22.74 7.18 15.07
CA GLN B 115 -21.66 6.84 15.98
C GLN B 115 -21.75 5.36 16.32
N LYS B 116 -20.60 4.73 16.46
CA LYS B 116 -20.51 3.33 16.82
C LYS B 116 -19.12 3.16 17.43
N LEU B 117 -19.07 3.24 18.76
CA LEU B 117 -17.82 3.14 19.51
C LEU B 117 -17.56 1.72 20.03
N VAL B 118 -16.30 1.43 20.27
CA VAL B 118 -15.90 0.13 20.81
C VAL B 118 -16.27 0.09 22.28
N SER B 119 -16.38 -1.11 22.84
CA SER B 119 -16.71 -1.25 24.24
C SER B 119 -15.46 -0.97 25.06
N ASN B 120 -15.62 -0.75 26.36
CA ASN B 120 -14.50 -0.45 27.25
C ASN B 120 -13.74 0.75 26.71
N ILE B 121 -14.47 1.69 26.12
CA ILE B 121 -13.85 2.89 25.56
C ILE B 121 -13.24 3.68 26.72
N ASP B 122 -13.78 3.46 27.90
CA ASP B 122 -13.34 4.15 29.10
C ASP B 122 -12.06 3.56 29.66
N GLU B 123 -11.54 2.54 29.01
CA GLU B 123 -10.30 1.90 29.46
C GLU B 123 -9.23 2.05 28.39
N ARG B 124 -9.56 2.66 27.26
CA ARG B 124 -8.61 2.82 26.17
C ARG B 124 -8.23 4.26 25.94
N MET B 125 -7.19 4.47 25.13
CA MET B 125 -6.75 5.82 24.78
C MET B 125 -7.46 6.10 23.47
N ALA B 126 -8.10 7.25 23.37
CA ALA B 126 -8.81 7.62 22.16
C ALA B 126 -7.88 8.40 21.25
N LEU B 127 -8.07 8.22 19.96
CA LEU B 127 -7.27 8.92 18.96
C LEU B 127 -8.18 9.49 17.89
N ILE B 128 -8.53 10.76 18.01
CA ILE B 128 -9.41 11.42 17.06
C ILE B 128 -8.67 11.99 15.85
N VAL B 129 -9.06 11.57 14.66
CA VAL B 129 -8.42 12.05 13.45
C VAL B 129 -9.44 12.72 12.55
N ASP B 130 -9.14 13.96 12.19
CA ASP B 130 -9.98 14.77 11.32
C ASP B 130 -9.01 15.71 10.61
N PRO B 131 -9.16 15.85 9.28
CA PRO B 131 -8.30 16.70 8.46
C PRO B 131 -8.07 18.13 8.95
N MET B 132 -9.16 18.87 9.15
CA MET B 132 -9.04 20.26 9.57
C MET B 132 -9.80 20.63 10.82
N LEU B 133 -9.20 21.48 11.64
CA LEU B 133 -9.81 22.00 12.85
C LEU B 133 -10.01 23.49 12.59
N ALA B 134 -11.19 23.86 12.10
CA ALA B 134 -11.47 25.26 11.81
C ALA B 134 -11.98 25.98 13.05
N THR B 135 -13.29 25.90 13.29
CA THR B 135 -13.89 26.53 14.45
C THR B 135 -13.70 25.64 15.68
N GLY B 136 -13.56 24.34 15.47
CA GLY B 136 -13.38 23.44 16.58
C GLY B 136 -14.68 22.78 17.02
N GLY B 137 -15.78 23.13 16.36
CA GLY B 137 -17.07 22.58 16.71
C GLY B 137 -17.16 21.06 16.69
N SER B 138 -16.70 20.44 15.62
CA SER B 138 -16.76 18.99 15.46
C SER B 138 -15.92 18.22 16.46
N VAL B 139 -14.64 18.59 16.58
CA VAL B 139 -13.76 17.91 17.52
C VAL B 139 -14.28 18.04 18.95
N ILE B 140 -14.71 19.25 19.31
CA ILE B 140 -15.23 19.48 20.64
C ILE B 140 -16.47 18.63 20.86
N ALA B 141 -17.33 18.60 19.85
CA ALA B 141 -18.55 17.82 19.90
C ALA B 141 -18.31 16.31 20.04
N THR B 142 -17.30 15.77 19.34
CA THR B 142 -17.03 14.34 19.44
C THR B 142 -16.26 14.01 20.71
N ILE B 143 -15.53 14.98 21.27
CA ILE B 143 -14.83 14.73 22.53
C ILE B 143 -15.92 14.64 23.62
N ASP B 144 -16.98 15.44 23.47
CA ASP B 144 -18.09 15.39 24.41
C ASP B 144 -18.63 13.96 24.36
N LEU B 145 -18.81 13.46 23.14
CA LEU B 145 -19.30 12.11 22.92
C LEU B 145 -18.49 11.07 23.69
N LEU B 146 -17.17 11.10 23.48
CA LEU B 146 -16.26 10.16 24.11
C LEU B 146 -16.22 10.28 25.62
N LYS B 147 -16.14 11.49 26.15
CA LYS B 147 -16.12 11.66 27.60
C LYS B 147 -17.42 11.12 28.19
N LYS B 148 -18.53 11.34 27.50
CA LYS B 148 -19.78 10.82 28.01
C LYS B 148 -19.71 9.32 28.11
N ALA B 149 -19.05 8.69 27.15
CA ALA B 149 -18.90 7.24 27.15
C ALA B 149 -17.84 6.79 28.15
N GLY B 150 -17.28 7.73 28.90
CA GLY B 150 -16.28 7.38 29.89
C GLY B 150 -14.83 7.38 29.45
N CYS B 151 -14.54 7.83 28.23
CA CYS B 151 -13.15 7.87 27.76
C CYS B 151 -12.47 9.03 28.46
N SER B 152 -11.26 8.82 28.97
CA SER B 152 -10.55 9.86 29.70
C SER B 152 -9.15 10.24 29.25
N SER B 153 -8.71 9.77 28.09
CA SER B 153 -7.40 10.16 27.58
C SER B 153 -7.55 10.21 26.08
N ILE B 154 -7.62 11.43 25.57
CA ILE B 154 -7.84 11.68 24.15
C ILE B 154 -6.77 12.54 23.52
N LYS B 155 -6.43 12.19 22.28
CA LYS B 155 -5.46 12.92 21.51
C LYS B 155 -6.16 13.21 20.19
N VAL B 156 -5.93 14.40 19.65
CA VAL B 156 -6.55 14.82 18.41
C VAL B 156 -5.47 15.03 17.35
N LEU B 157 -5.59 14.32 16.24
CA LEU B 157 -4.63 14.46 15.15
C LEU B 157 -5.30 15.19 13.98
N VAL B 158 -4.70 16.28 13.55
CA VAL B 158 -5.24 17.07 12.43
C VAL B 158 -4.11 17.59 11.53
N LEU B 159 -4.43 17.83 10.26
CA LEU B 159 -3.44 18.32 9.32
C LEU B 159 -3.23 19.82 9.48
N VAL B 160 -4.28 20.60 9.38
CA VAL B 160 -4.16 22.03 9.57
C VAL B 160 -5.16 22.45 10.64
N ALA B 161 -4.84 23.51 11.38
CA ALA B 161 -5.72 24.00 12.43
C ALA B 161 -5.66 25.52 12.49
N ALA B 162 -6.82 26.14 12.72
CA ALA B 162 -6.90 27.60 12.84
C ALA B 162 -6.76 27.94 14.31
N PRO B 163 -6.14 29.09 14.62
CA PRO B 163 -5.98 29.50 16.02
C PRO B 163 -7.33 29.51 16.75
N GLU B 164 -8.38 29.89 16.02
CA GLU B 164 -9.74 29.93 16.55
C GLU B 164 -10.15 28.58 17.12
N GLY B 165 -9.97 27.53 16.32
CA GLY B 165 -10.33 26.20 16.75
C GLY B 165 -9.52 25.74 17.92
N ILE B 166 -8.22 26.01 17.88
CA ILE B 166 -7.33 25.62 18.96
C ILE B 166 -7.76 26.28 20.26
N ALA B 167 -8.18 27.54 20.17
CA ALA B 167 -8.63 28.30 21.34
C ALA B 167 -9.94 27.73 21.88
N ALA B 168 -10.89 27.47 20.98
CA ALA B 168 -12.18 26.93 21.39
C ALA B 168 -12.01 25.58 22.04
N LEU B 169 -11.17 24.75 21.44
CA LEU B 169 -10.92 23.41 21.95
C LEU B 169 -10.35 23.44 23.36
N GLU B 170 -9.36 24.30 23.57
CA GLU B 170 -8.71 24.42 24.86
C GLU B 170 -9.66 24.86 25.97
N LYS B 171 -10.48 25.88 25.68
CA LYS B 171 -11.44 26.35 26.68
C LYS B 171 -12.31 25.16 27.06
N ALA B 172 -12.81 24.47 26.04
CA ALA B 172 -13.70 23.32 26.20
C ALA B 172 -13.13 22.05 26.80
N HIS B 173 -11.91 21.67 26.41
CA HIS B 173 -11.29 20.44 26.91
C HIS B 173 -9.77 20.55 27.02
N PRO B 174 -9.27 21.26 28.02
CA PRO B 174 -7.81 21.40 28.16
C PRO B 174 -7.04 20.15 28.57
N ASP B 175 -7.72 19.03 28.81
CA ASP B 175 -7.03 17.81 29.22
C ASP B 175 -6.71 16.92 28.03
N VAL B 176 -6.84 17.48 26.85
CA VAL B 176 -6.58 16.76 25.61
C VAL B 176 -5.28 17.23 24.98
N GLU B 177 -4.64 16.37 24.19
CA GLU B 177 -3.40 16.71 23.50
C GLU B 177 -3.71 16.94 22.03
N LEU B 178 -3.20 18.03 21.47
CA LEU B 178 -3.47 18.36 20.08
C LEU B 178 -2.22 18.32 19.24
N TYR B 179 -2.21 17.42 18.26
CA TYR B 179 -1.06 17.28 17.35
C TYR B 179 -1.52 17.76 15.97
N THR B 180 -0.72 18.61 15.35
CA THR B 180 -1.08 19.11 14.06
C THR B 180 0.17 19.31 13.21
N ALA B 181 -0.01 19.36 11.90
CA ALA B 181 1.10 19.54 10.99
C ALA B 181 1.27 21.01 10.66
N SER B 182 0.30 21.82 11.06
CA SER B 182 0.37 23.23 10.75
C SER B 182 -0.70 24.09 11.41
N ILE B 183 -0.27 25.15 12.06
CA ILE B 183 -1.18 26.08 12.69
C ILE B 183 -1.26 27.21 11.67
N ASP B 184 -2.40 27.36 11.00
CA ASP B 184 -2.53 28.40 9.99
C ASP B 184 -2.82 29.79 10.58
N GLN B 185 -3.19 30.74 9.73
CA GLN B 185 -3.44 32.10 10.22
C GLN B 185 -4.77 32.35 10.90
N GLY B 186 -5.86 31.80 10.37
CA GLY B 186 -7.14 32.00 11.00
C GLY B 186 -8.27 31.54 10.11
N LEU B 187 -9.48 32.02 10.37
CA LEU B 187 -10.64 31.66 9.58
C LEU B 187 -11.15 32.86 8.79
N ASN B 188 -11.57 32.64 7.55
CA ASN B 188 -12.12 33.74 6.76
C ASN B 188 -13.60 33.88 7.08
N GLU B 189 -14.27 34.79 6.38
CA GLU B 189 -15.68 35.07 6.63
C GLU B 189 -16.55 33.83 6.74
N HIS B 190 -16.47 32.96 5.73
CA HIS B 190 -17.32 31.74 5.66
C HIS B 190 -16.81 30.56 6.53
N GLY B 191 -15.89 30.81 7.46
CA GLY B 191 -15.43 29.75 8.32
C GLY B 191 -14.47 28.73 7.73
N TYR B 192 -13.66 29.13 6.76
CA TYR B 192 -12.69 28.24 6.14
C TYR B 192 -11.28 28.62 6.54
N ILE B 193 -10.50 27.62 6.92
CA ILE B 193 -9.12 27.83 7.34
C ILE B 193 -8.26 28.47 6.26
N ILE B 194 -7.48 29.48 6.66
CA ILE B 194 -6.61 30.20 5.75
C ILE B 194 -5.16 30.27 6.26
N PRO B 195 -4.18 29.95 5.41
CA PRO B 195 -4.30 29.52 4.00
C PRO B 195 -5.18 28.28 3.88
N GLY B 196 -4.88 27.28 4.71
CA GLY B 196 -5.62 26.04 4.72
C GLY B 196 -5.47 25.28 3.42
N LEU B 197 -6.35 24.33 3.16
CA LEU B 197 -6.26 23.58 1.93
C LEU B 197 -7.59 23.22 1.28
N GLY B 198 -8.50 24.19 1.26
CA GLY B 198 -9.79 24.00 0.65
C GLY B 198 -10.75 23.20 1.48
N ASP B 199 -11.63 22.47 0.80
CA ASP B 199 -12.61 21.62 1.45
C ASP B 199 -12.02 20.22 1.39
N ALA B 200 -11.40 19.80 2.48
CA ALA B 200 -10.78 18.48 2.54
C ALA B 200 -11.75 17.36 2.16
N GLY B 201 -12.92 17.37 2.78
CA GLY B 201 -13.90 16.35 2.48
C GLY B 201 -14.13 16.15 1.01
N ASP B 202 -14.32 17.24 0.28
CA ASP B 202 -14.56 17.15 -1.15
C ASP B 202 -13.32 16.73 -1.93
N LYS B 203 -12.16 17.33 -1.64
CA LYS B 203 -10.94 16.96 -2.35
C LYS B 203 -10.58 15.49 -2.13
N ILE B 204 -10.79 14.99 -0.92
CA ILE B 204 -10.47 13.61 -0.61
C ILE B 204 -11.40 12.62 -1.30
N PHE B 205 -12.69 12.93 -1.30
CA PHE B 205 -13.69 12.06 -1.91
C PHE B 205 -13.99 12.37 -3.36
N GLY B 206 -13.51 13.51 -3.85
CA GLY B 206 -13.76 13.89 -5.22
C GLY B 206 -15.19 14.35 -5.48
N THR B 207 -15.84 14.90 -4.46
CA THR B 207 -17.19 15.38 -4.64
C THR B 207 -17.27 16.90 -4.62
N LYS B 208 -18.42 17.42 -4.19
CA LYS B 208 -18.64 18.86 -4.12
C LYS B 208 -19.75 19.24 -3.11
N LYS C 1 30.83 7.77 14.52
CA LYS C 1 30.73 8.59 15.75
C LYS C 1 29.27 8.72 16.17
N LYS C 2 28.44 9.28 15.29
CA LYS C 2 27.04 9.48 15.62
C LYS C 2 26.21 8.21 15.49
N ILE C 3 25.80 7.64 16.62
CA ILE C 3 24.99 6.43 16.62
C ILE C 3 23.66 6.69 17.29
N VAL C 4 22.58 6.31 16.61
CA VAL C 4 21.25 6.50 17.14
C VAL C 4 20.49 5.19 17.17
N GLU C 5 19.94 4.86 18.33
CA GLU C 5 19.15 3.66 18.50
C GLU C 5 17.73 4.11 18.83
N VAL C 6 16.88 4.21 17.82
CA VAL C 6 15.49 4.65 17.99
C VAL C 6 14.78 3.84 19.08
N LYS C 7 14.26 4.54 20.08
CA LYS C 7 13.58 3.86 21.19
C LYS C 7 12.10 4.16 21.28
N HIS C 8 11.53 4.57 20.15
CA HIS C 8 10.13 4.88 20.06
C HIS C 8 9.38 3.56 20.31
N PRO C 9 8.40 3.57 21.22
CA PRO C 9 7.64 2.34 21.50
C PRO C 9 7.13 1.55 20.29
N LEU C 10 6.66 2.22 19.24
CA LEU C 10 6.19 1.51 18.05
C LEU C 10 7.29 0.72 17.36
N VAL C 11 8.50 1.26 17.37
CA VAL C 11 9.61 0.56 16.75
C VAL C 11 9.87 -0.69 17.58
N LYS C 12 10.00 -0.54 18.89
CA LYS C 12 10.25 -1.67 19.78
C LYS C 12 9.19 -2.76 19.61
N HIS C 13 7.96 -2.34 19.44
CA HIS C 13 6.87 -3.27 19.29
C HIS C 13 6.98 -4.06 18.00
N LYS C 14 7.09 -3.37 16.87
CA LYS C 14 7.19 -4.04 15.58
C LYS C 14 8.43 -4.91 15.47
N LEU C 15 9.53 -4.45 16.06
CA LEU C 15 10.76 -5.22 16.03
C LEU C 15 10.53 -6.48 16.85
N GLY C 16 9.79 -6.32 17.94
CA GLY C 16 9.48 -7.44 18.81
C GLY C 16 8.63 -8.47 18.10
N LEU C 17 7.81 -8.02 17.16
CA LEU C 17 6.96 -8.93 16.41
C LEU C 17 7.83 -9.70 15.43
N MET C 18 8.90 -9.07 14.95
CA MET C 18 9.81 -9.68 14.00
C MET C 18 10.65 -10.81 14.57
N ARG C 19 10.66 -10.94 15.90
CA ARG C 19 11.46 -11.96 16.57
C ARG C 19 10.78 -13.32 16.82
N GLU C 20 9.50 -13.44 16.52
CA GLU C 20 8.80 -14.72 16.71
C GLU C 20 9.16 -15.67 15.57
N GLN C 21 9.82 -16.78 15.89
CA GLN C 21 10.25 -17.75 14.88
C GLN C 21 9.12 -18.20 13.96
N ASP C 22 7.94 -18.32 14.54
CA ASP C 22 6.75 -18.75 13.85
C ASP C 22 6.26 -17.78 12.77
N ILE C 23 6.70 -16.53 12.84
CA ILE C 23 6.27 -15.51 11.87
C ILE C 23 6.38 -15.97 10.42
N SER C 24 5.60 -15.35 9.54
CA SER C 24 5.62 -15.71 8.13
C SER C 24 6.45 -14.70 7.34
N THR C 25 6.82 -15.08 6.12
CA THR C 25 7.60 -14.21 5.27
C THR C 25 6.82 -12.94 4.94
N LYS C 26 5.55 -13.13 4.57
CA LYS C 26 4.72 -12.00 4.23
C LYS C 26 4.73 -10.96 5.35
N ARG C 27 4.40 -11.40 6.55
CA ARG C 27 4.36 -10.52 7.71
C ARG C 27 5.72 -9.90 8.06
N PHE C 28 6.75 -10.73 8.04
CA PHE C 28 8.10 -10.30 8.37
C PHE C 28 8.60 -9.26 7.35
N ARG C 29 8.21 -9.45 6.09
CA ARG C 29 8.61 -8.54 5.03
C ARG C 29 7.95 -7.18 5.19
N GLU C 30 6.67 -7.18 5.57
CA GLU C 30 5.90 -5.95 5.77
C GLU C 30 6.49 -5.15 6.92
N LEU C 31 6.72 -5.84 8.04
CA LEU C 31 7.25 -5.22 9.24
C LEU C 31 8.65 -4.67 9.02
N ALA C 32 9.44 -5.34 8.19
CA ALA C 32 10.78 -4.87 7.90
C ALA C 32 10.71 -3.50 7.23
N SER C 33 9.60 -3.26 6.53
CA SER C 33 9.37 -2.01 5.82
C SER C 33 8.72 -0.96 6.70
N GLU C 34 7.84 -1.39 7.61
CA GLU C 34 7.19 -0.44 8.49
C GLU C 34 8.26 0.20 9.36
N VAL C 35 9.13 -0.65 9.93
CA VAL C 35 10.20 -0.14 10.77
C VAL C 35 11.09 0.71 9.88
N GLY C 36 11.26 0.28 8.63
CA GLY C 36 12.07 1.01 7.68
C GLY C 36 11.57 2.42 7.49
N SER C 37 10.25 2.59 7.46
CA SER C 37 9.66 3.91 7.31
C SER C 37 10.02 4.74 8.53
N LEU C 38 9.64 4.25 9.71
CA LEU C 38 9.90 4.93 10.97
C LEU C 38 11.37 5.32 11.13
N LEU C 39 12.25 4.46 10.65
CA LEU C 39 13.68 4.73 10.73
C LEU C 39 14.06 5.86 9.81
N THR C 40 13.40 5.93 8.66
CA THR C 40 13.64 6.97 7.67
C THR C 40 13.21 8.33 8.21
N TYR C 41 12.14 8.35 9.00
CA TYR C 41 11.63 9.58 9.57
C TYR C 41 12.63 10.13 10.56
N GLU C 42 13.24 9.23 11.32
CA GLU C 42 14.21 9.58 12.33
C GLU C 42 15.54 10.10 11.72
N ALA C 43 15.86 9.68 10.50
CA ALA C 43 17.10 10.10 9.86
C ALA C 43 16.99 11.37 9.00
N THR C 44 15.78 11.72 8.57
CA THR C 44 15.61 12.90 7.75
C THR C 44 15.11 14.07 8.58
N ALA C 45 15.26 13.97 9.89
CA ALA C 45 14.80 15.04 10.77
C ALA C 45 15.61 16.33 10.63
N ASP C 46 16.76 16.23 9.99
CA ASP C 46 17.64 17.39 9.81
C ASP C 46 17.78 17.90 8.38
N LEU C 47 16.91 17.46 7.47
CA LEU C 47 16.96 17.91 6.07
C LEU C 47 16.71 19.40 5.93
N GLU C 48 17.48 20.05 5.05
CA GLU C 48 17.35 21.48 4.81
C GLU C 48 16.13 21.83 3.96
N THR C 49 15.48 22.92 4.32
CA THR C 49 14.28 23.39 3.63
C THR C 49 14.49 24.76 2.98
N GLU C 50 13.50 25.21 2.21
CA GLU C 50 13.54 26.52 1.56
C GLU C 50 12.13 26.94 1.19
N LYS C 51 11.85 28.24 1.31
CA LYS C 51 10.53 28.78 0.98
C LYS C 51 10.30 28.87 -0.52
N VAL C 52 9.04 28.76 -0.92
CA VAL C 52 8.64 28.82 -2.30
C VAL C 52 7.18 29.23 -2.32
N THR C 53 6.76 29.97 -3.33
CA THR C 53 5.36 30.41 -3.41
C THR C 53 4.66 29.71 -4.54
N ILE C 54 3.46 29.22 -4.28
CA ILE C 54 2.70 28.52 -5.29
C ILE C 54 1.26 28.98 -5.27
N GLU C 55 0.44 28.39 -6.13
CA GLU C 55 -0.96 28.77 -6.18
C GLU C 55 -1.77 27.82 -5.32
N GLY C 56 -2.20 28.32 -4.15
CA GLY C 56 -2.99 27.51 -3.25
C GLY C 56 -4.44 27.50 -3.65
N TRP C 57 -5.24 26.68 -2.97
CA TRP C 57 -6.66 26.57 -3.27
C TRP C 57 -7.30 27.96 -3.35
N ASN C 58 -6.76 28.92 -2.59
CA ASN C 58 -7.31 30.27 -2.59
C ASN C 58 -6.19 31.31 -2.64
N GLY C 59 -5.59 31.47 -3.82
CA GLY C 59 -4.52 32.44 -3.97
C GLY C 59 -3.14 31.91 -3.65
N PRO C 60 -2.08 32.71 -3.89
CA PRO C 60 -0.70 32.31 -3.63
C PRO C 60 -0.49 31.95 -2.17
N VAL C 61 0.56 31.18 -1.91
CA VAL C 61 0.89 30.77 -0.56
C VAL C 61 2.35 30.33 -0.50
N GLU C 62 3.02 30.72 0.56
CA GLU C 62 4.41 30.38 0.76
C GLU C 62 4.49 29.02 1.46
N ILE C 63 5.28 28.12 0.91
CA ILE C 63 5.43 26.79 1.47
C ILE C 63 6.90 26.44 1.65
N ASP C 64 7.15 25.29 2.26
CA ASP C 64 8.50 24.81 2.48
C ASP C 64 8.75 23.63 1.55
N GLN C 65 9.95 23.59 0.98
CA GLN C 65 10.34 22.51 0.09
C GLN C 65 11.68 22.00 0.53
N ILE C 66 11.92 20.72 0.34
CA ILE C 66 13.21 20.16 0.72
C ILE C 66 14.21 20.59 -0.34
N LYS C 67 15.06 21.54 0.06
CA LYS C 67 16.08 22.11 -0.82
C LYS C 67 17.14 21.12 -1.24
N GLY C 68 17.74 21.36 -2.40
CA GLY C 68 18.80 20.48 -2.89
C GLY C 68 18.39 19.42 -3.88
N LYS C 69 19.38 18.72 -4.42
CA LYS C 69 19.10 17.64 -5.37
C LYS C 69 18.48 16.51 -4.57
N LYS C 70 17.72 15.65 -5.24
CA LYS C 70 17.06 14.56 -4.54
C LYS C 70 18.03 13.61 -3.87
N ILE C 71 17.60 13.05 -2.74
CA ILE C 71 18.44 12.13 -2.02
C ILE C 71 18.43 10.80 -2.76
N THR C 72 19.48 10.00 -2.56
CA THR C 72 19.56 8.70 -3.19
C THR C 72 19.50 7.63 -2.11
N VAL C 73 18.64 6.65 -2.31
CA VAL C 73 18.50 5.54 -1.40
C VAL C 73 19.38 4.45 -1.94
N VAL C 74 20.18 3.82 -1.08
CA VAL C 74 21.07 2.78 -1.54
C VAL C 74 20.87 1.43 -0.86
N PRO C 75 19.92 0.62 -1.36
CA PRO C 75 19.71 -0.68 -0.73
C PRO C 75 20.79 -1.65 -1.16
N ILE C 76 21.38 -2.35 -0.20
CA ILE C 76 22.42 -3.34 -0.47
C ILE C 76 21.65 -4.57 -0.95
N LEU C 77 21.89 -4.97 -2.20
CA LEU C 77 21.16 -6.06 -2.81
C LEU C 77 20.80 -7.34 -2.11
N ARG C 78 19.50 -7.58 -2.23
CA ARG C 78 18.70 -8.65 -1.69
C ARG C 78 18.05 -8.09 -0.45
N ALA C 79 18.50 -8.48 0.74
CA ALA C 79 17.88 -8.00 1.98
C ALA C 79 17.42 -6.54 1.96
N GLY C 80 18.31 -5.64 1.53
CA GLY C 80 18.01 -4.23 1.50
C GLY C 80 16.69 -3.86 0.85
N LEU C 81 16.30 -4.62 -0.16
CA LEU C 81 15.06 -4.38 -0.89
C LEU C 81 13.81 -4.52 -0.04
N GLY C 82 13.90 -5.32 1.02
CA GLY C 82 12.76 -5.55 1.87
C GLY C 82 12.33 -4.37 2.72
N MET C 83 13.20 -3.37 2.84
CA MET C 83 12.89 -2.18 3.62
C MET C 83 12.67 -1.01 2.69
N MET C 84 12.80 -1.26 1.38
CA MET C 84 12.65 -0.23 0.37
C MET C 84 11.27 0.39 0.35
N ASP C 85 10.22 -0.42 0.44
CA ASP C 85 8.86 0.09 0.42
C ASP C 85 8.67 1.14 1.49
N GLY C 86 9.03 0.80 2.72
CA GLY C 86 8.88 1.74 3.81
C GLY C 86 9.64 3.04 3.58
N VAL C 87 10.90 2.92 3.19
CA VAL C 87 11.72 4.09 2.95
C VAL C 87 11.12 5.01 1.87
N LEU C 88 10.70 4.44 0.76
CA LEU C 88 10.14 5.25 -0.33
C LEU C 88 8.84 5.97 0.00
N GLU C 89 8.06 5.45 0.94
CA GLU C 89 6.81 6.10 1.32
C GLU C 89 7.11 7.46 1.94
N ASN C 90 8.28 7.58 2.53
CA ASN C 90 8.70 8.82 3.16
C ASN C 90 9.35 9.74 2.14
N VAL C 91 10.21 9.17 1.29
CA VAL C 91 10.88 9.94 0.26
C VAL C 91 10.59 9.30 -1.09
N PRO C 92 9.34 9.45 -1.57
CA PRO C 92 8.82 8.92 -2.84
C PRO C 92 9.55 9.30 -4.13
N SER C 93 10.40 10.31 -4.09
CA SER C 93 11.11 10.74 -5.30
C SER C 93 12.60 10.45 -5.23
N ALA C 94 13.04 9.80 -4.17
CA ALA C 94 14.44 9.49 -4.00
C ALA C 94 14.92 8.61 -5.14
N ARG C 95 16.16 8.84 -5.57
CA ARG C 95 16.74 8.05 -6.65
C ARG C 95 17.24 6.76 -6.02
N ILE C 96 17.02 5.63 -6.69
CA ILE C 96 17.45 4.36 -6.14
C ILE C 96 18.72 3.79 -6.73
N SER C 97 19.83 4.00 -6.02
CA SER C 97 21.13 3.48 -6.45
C SER C 97 21.32 2.12 -5.79
N VAL C 98 21.23 1.05 -6.59
CA VAL C 98 21.36 -0.29 -6.04
C VAL C 98 22.80 -0.79 -6.07
N VAL C 99 23.15 -1.58 -5.06
CA VAL C 99 24.48 -2.18 -4.96
C VAL C 99 24.31 -3.63 -4.54
N GLY C 100 24.92 -4.54 -5.30
CA GLY C 100 24.81 -5.95 -4.97
C GLY C 100 26.16 -6.60 -4.77
N MET C 101 26.31 -7.25 -3.62
CA MET C 101 27.54 -7.96 -3.30
C MET C 101 27.16 -9.26 -2.64
N TYR C 102 27.96 -10.30 -2.85
CA TYR C 102 27.71 -11.60 -2.27
C TYR C 102 28.39 -11.65 -0.90
N ARG C 103 27.64 -12.01 0.13
CA ARG C 103 28.20 -12.04 1.46
C ARG C 103 27.90 -13.33 2.22
N ASN C 104 28.95 -13.90 2.78
CA ASN C 104 28.90 -15.14 3.55
C ASN C 104 29.67 -14.90 4.80
N GLU C 105 29.94 -15.99 5.52
CA GLU C 105 30.74 -15.89 6.73
C GLU C 105 32.19 -15.96 6.24
N GLU C 106 32.35 -16.33 4.97
CA GLU C 106 33.67 -16.42 4.37
C GLU C 106 34.05 -15.18 3.58
N THR C 107 33.06 -14.39 3.22
CA THR C 107 33.31 -13.16 2.49
C THR C 107 33.64 -12.09 3.52
N LEU C 108 34.90 -12.00 3.90
CA LEU C 108 35.32 -11.02 4.90
C LEU C 108 35.41 -9.61 4.34
N GLU C 109 35.65 -9.52 3.04
CA GLU C 109 35.74 -8.22 2.39
C GLU C 109 34.94 -8.32 1.10
N PRO C 110 33.61 -8.25 1.20
CA PRO C 110 32.65 -8.34 0.08
C PRO C 110 32.92 -7.39 -1.08
N VAL C 111 32.74 -7.91 -2.29
CA VAL C 111 32.95 -7.14 -3.50
C VAL C 111 31.65 -7.12 -4.30
N PRO C 112 31.29 -5.96 -4.86
CA PRO C 112 30.04 -5.91 -5.63
C PRO C 112 30.08 -6.72 -6.93
N TYR C 113 28.98 -7.40 -7.23
CA TYR C 113 28.89 -8.16 -8.47
C TYR C 113 28.11 -7.30 -9.44
N PHE C 114 27.45 -6.28 -8.90
CA PHE C 114 26.68 -5.35 -9.70
C PHE C 114 26.47 -4.05 -8.94
N GLN C 115 26.23 -2.97 -9.67
CA GLN C 115 26.02 -1.67 -9.06
C GLN C 115 25.63 -0.66 -10.14
N LYS C 116 24.75 0.26 -9.77
CA LYS C 116 24.30 1.29 -10.70
C LYS C 116 23.89 2.50 -9.85
N LEU C 117 24.83 3.44 -9.71
CA LEU C 117 24.60 4.65 -8.92
C LEU C 117 23.98 5.77 -9.75
N VAL C 118 23.41 6.78 -9.09
CA VAL C 118 22.82 7.90 -9.80
C VAL C 118 23.93 8.88 -10.12
N SER C 119 23.68 9.79 -11.05
CA SER C 119 24.68 10.79 -11.42
C SER C 119 24.67 11.93 -10.41
N ASN C 120 25.78 12.66 -10.33
CA ASN C 120 25.89 13.79 -9.41
C ASN C 120 25.73 13.29 -7.97
N ILE C 121 26.24 12.09 -7.71
CA ILE C 121 26.15 11.47 -6.39
C ILE C 121 26.82 12.33 -5.32
N ASP C 122 27.74 13.19 -5.76
CA ASP C 122 28.48 14.08 -4.86
C ASP C 122 27.65 15.29 -4.41
N GLU C 123 26.49 15.49 -5.01
CA GLU C 123 25.62 16.60 -4.66
C GLU C 123 24.37 16.07 -3.94
N ARG C 124 24.47 14.88 -3.38
CA ARG C 124 23.32 14.28 -2.71
C ARG C 124 23.66 13.64 -1.38
N MET C 125 22.62 13.41 -0.58
CA MET C 125 22.77 12.71 0.68
C MET C 125 22.50 11.27 0.23
N ALA C 126 23.09 10.29 0.90
CA ALA C 126 22.86 8.91 0.52
C ALA C 126 22.38 8.10 1.73
N LEU C 127 21.29 7.36 1.55
CA LEU C 127 20.78 6.54 2.64
C LEU C 127 21.03 5.08 2.32
N ILE C 128 22.03 4.50 2.96
CA ILE C 128 22.32 3.09 2.76
C ILE C 128 21.34 2.35 3.65
N VAL C 129 20.68 1.33 3.12
CA VAL C 129 19.72 0.58 3.91
C VAL C 129 20.01 -0.91 3.86
N ASP C 130 20.15 -1.51 5.03
CA ASP C 130 20.45 -2.94 5.14
C ASP C 130 19.96 -3.48 6.50
N PRO C 131 19.11 -4.51 6.49
CA PRO C 131 18.53 -5.15 7.67
C PRO C 131 19.49 -5.40 8.85
N MET C 132 20.58 -6.11 8.60
CA MET C 132 21.53 -6.43 9.65
C MET C 132 22.93 -5.84 9.45
N LEU C 133 23.54 -5.37 10.53
CA LEU C 133 24.90 -4.86 10.52
C LEU C 133 25.65 -5.77 11.48
N ALA C 134 26.13 -6.90 10.96
CA ALA C 134 26.83 -7.89 11.77
C ALA C 134 28.31 -7.60 11.97
N THR C 135 29.10 -7.72 10.91
CA THR C 135 30.52 -7.46 11.02
C THR C 135 30.82 -6.09 10.46
N GLY C 136 29.86 -5.50 9.77
CA GLY C 136 30.04 -4.19 9.17
C GLY C 136 30.54 -4.31 7.76
N GLY C 137 31.15 -5.45 7.47
CA GLY C 137 31.70 -5.75 6.16
C GLY C 137 30.95 -5.27 4.93
N SER C 138 29.71 -5.70 4.77
CA SER C 138 28.93 -5.29 3.62
C SER C 138 28.76 -3.77 3.55
N VAL C 139 28.24 -3.18 4.62
CA VAL C 139 28.02 -1.74 4.66
C VAL C 139 29.28 -0.92 4.49
N ILE C 140 30.35 -1.24 5.22
CA ILE C 140 31.54 -0.43 5.05
C ILE C 140 32.05 -0.54 3.61
N ALA C 141 31.80 -1.68 2.97
CA ALA C 141 32.25 -1.86 1.60
C ALA C 141 31.53 -0.97 0.62
N THR C 142 30.24 -0.77 0.85
CA THR C 142 29.46 0.07 -0.05
C THR C 142 29.68 1.56 0.25
N ILE C 143 30.22 1.87 1.42
CA ILE C 143 30.51 3.27 1.77
C ILE C 143 31.78 3.65 1.00
N ASP C 144 32.69 2.69 0.86
CA ASP C 144 33.90 2.96 0.12
C ASP C 144 33.48 3.26 -1.31
N LEU C 145 32.57 2.44 -1.82
CA LEU C 145 32.06 2.56 -3.17
C LEU C 145 31.44 3.93 -3.40
N LEU C 146 30.65 4.39 -2.44
CA LEU C 146 30.00 5.70 -2.54
C LEU C 146 30.98 6.86 -2.43
N LYS C 147 31.89 6.77 -1.46
CA LYS C 147 32.86 7.82 -1.27
C LYS C 147 33.73 8.01 -2.50
N LYS C 148 34.13 6.92 -3.13
CA LYS C 148 34.95 7.00 -4.33
C LYS C 148 34.18 7.68 -5.44
N ALA C 149 32.89 7.41 -5.53
CA ALA C 149 32.07 8.03 -6.55
C ALA C 149 31.98 9.53 -6.29
N GLY C 150 32.30 9.95 -5.06
CA GLY C 150 32.24 11.36 -4.73
C GLY C 150 31.22 11.81 -3.69
N CYS C 151 30.49 10.85 -3.12
CA CYS C 151 29.48 11.17 -2.12
C CYS C 151 30.11 11.50 -0.77
N SER C 152 29.69 12.59 -0.15
CA SER C 152 30.25 13.00 1.15
C SER C 152 29.23 13.23 2.26
N SER C 153 28.05 12.62 2.14
CA SER C 153 27.00 12.74 3.15
C SER C 153 26.24 11.41 3.15
N ILE C 154 26.56 10.56 4.11
CA ILE C 154 25.97 9.24 4.16
C ILE C 154 25.35 8.85 5.50
N LYS C 155 24.15 8.31 5.43
CA LYS C 155 23.44 7.88 6.61
C LYS C 155 23.18 6.40 6.40
N VAL C 156 23.30 5.61 7.47
CA VAL C 156 23.07 4.18 7.40
C VAL C 156 21.84 3.81 8.21
N LEU C 157 20.89 3.12 7.58
CA LEU C 157 19.69 2.70 8.28
C LEU C 157 19.71 1.18 8.41
N VAL C 158 19.64 0.70 9.65
CA VAL C 158 19.72 -0.72 9.98
C VAL C 158 18.65 -1.22 10.98
N LEU C 159 18.19 -2.46 10.84
CA LEU C 159 17.21 -2.99 11.79
C LEU C 159 17.91 -3.39 13.08
N VAL C 160 18.78 -4.38 13.01
CA VAL C 160 19.53 -4.80 14.20
C VAL C 160 21.03 -4.58 13.94
N ALA C 161 21.79 -4.41 15.01
CA ALA C 161 23.23 -4.19 14.89
C ALA C 161 24.02 -4.84 16.01
N ALA C 162 25.18 -5.37 15.69
CA ALA C 162 26.02 -6.01 16.68
C ALA C 162 27.15 -5.03 17.03
N PRO C 163 27.50 -4.92 18.32
CA PRO C 163 28.57 -4.00 18.72
C PRO C 163 29.81 -4.15 17.82
N GLU C 164 30.08 -5.38 17.42
CA GLU C 164 31.20 -5.71 16.54
C GLU C 164 31.13 -4.84 15.29
N GLY C 165 30.05 -4.99 14.53
CA GLY C 165 29.87 -4.21 13.32
C GLY C 165 29.94 -2.71 13.59
N ILE C 166 29.16 -2.25 14.55
CA ILE C 166 29.14 -0.82 14.89
C ILE C 166 30.55 -0.29 15.14
N ALA C 167 31.37 -1.11 15.80
CA ALA C 167 32.74 -0.72 16.11
C ALA C 167 33.59 -0.66 14.85
N ALA C 168 33.46 -1.68 14.02
CA ALA C 168 34.21 -1.74 12.77
C ALA C 168 33.84 -0.55 11.91
N LEU C 169 32.55 -0.32 11.71
CA LEU C 169 32.08 0.80 10.90
C LEU C 169 32.66 2.10 11.40
N GLU C 170 32.64 2.29 12.71
CA GLU C 170 33.17 3.51 13.32
C GLU C 170 34.67 3.67 13.11
N LYS C 171 35.38 2.56 13.11
CA LYS C 171 36.81 2.59 12.91
C LYS C 171 37.10 2.93 11.47
N ALA C 172 36.24 2.44 10.57
CA ALA C 172 36.41 2.64 9.14
C ALA C 172 35.89 3.96 8.56
N HIS C 173 34.72 4.42 9.00
CA HIS C 173 34.11 5.64 8.49
C HIS C 173 33.39 6.38 9.60
N PRO C 174 34.12 7.08 10.48
CA PRO C 174 33.46 7.81 11.56
C PRO C 174 32.56 8.96 11.12
N ASP C 175 32.81 9.52 9.93
CA ASP C 175 32.05 10.64 9.40
C ASP C 175 30.65 10.23 8.93
N VAL C 176 30.21 9.05 9.33
CA VAL C 176 28.91 8.53 8.93
C VAL C 176 27.92 8.45 10.08
N GLU C 177 26.62 8.53 9.78
CA GLU C 177 25.59 8.43 10.81
C GLU C 177 24.94 7.05 10.76
N LEU C 178 24.73 6.44 11.94
CA LEU C 178 24.14 5.11 12.01
C LEU C 178 22.82 5.10 12.78
N TYR C 179 21.72 4.86 12.11
CA TYR C 179 20.41 4.78 12.76
C TYR C 179 19.99 3.33 12.81
N THR C 180 19.74 2.82 14.00
CA THR C 180 19.35 1.43 14.16
C THR C 180 18.15 1.26 15.08
N ALA C 181 17.38 0.20 14.87
CA ALA C 181 16.21 -0.04 15.70
C ALA C 181 16.61 -0.80 16.97
N SER C 182 17.76 -1.46 16.91
CA SER C 182 18.21 -2.25 18.04
C SER C 182 19.71 -2.60 18.00
N ILE C 183 20.35 -2.51 19.15
CA ILE C 183 21.75 -2.89 19.24
C ILE C 183 21.76 -4.15 20.10
N ASP C 184 21.88 -5.30 19.44
CA ASP C 184 21.89 -6.59 20.14
C ASP C 184 23.24 -6.93 20.78
N GLN C 185 23.28 -8.05 21.52
CA GLN C 185 24.49 -8.46 22.23
C GLN C 185 25.75 -8.72 21.40
N GLY C 186 25.64 -9.49 20.34
CA GLY C 186 26.82 -9.77 19.55
C GLY C 186 26.59 -10.81 18.49
N LEU C 187 27.66 -11.49 18.10
CA LEU C 187 27.60 -12.52 17.07
C LEU C 187 27.90 -13.90 17.61
N ASN C 188 27.41 -14.93 16.92
CA ASN C 188 27.70 -16.29 17.34
C ASN C 188 28.71 -16.94 16.39
N GLU C 189 29.17 -18.13 16.74
CA GLU C 189 30.15 -18.85 15.95
C GLU C 189 29.98 -18.75 14.44
N HIS C 190 28.74 -18.88 13.95
CA HIS C 190 28.48 -18.82 12.51
C HIS C 190 28.23 -17.44 11.89
N GLY C 191 28.46 -16.38 12.65
CA GLY C 191 28.30 -15.04 12.12
C GLY C 191 26.96 -14.33 12.23
N TYR C 192 25.97 -14.98 12.82
CA TYR C 192 24.66 -14.36 12.96
C TYR C 192 24.59 -13.46 14.19
N ILE C 193 23.74 -12.45 14.15
CA ILE C 193 23.55 -11.56 15.28
C ILE C 193 22.65 -12.25 16.32
N ILE C 194 23.01 -12.12 17.58
CA ILE C 194 22.26 -12.74 18.68
C ILE C 194 21.89 -11.68 19.72
N PRO C 195 20.60 -11.62 20.12
CA PRO C 195 19.46 -12.44 19.67
C PRO C 195 19.26 -12.36 18.17
N GLY C 196 19.33 -11.13 17.63
CA GLY C 196 19.17 -10.91 16.22
C GLY C 196 17.84 -11.44 15.71
N LEU C 197 17.78 -11.83 14.45
CA LEU C 197 16.54 -12.36 13.91
C LEU C 197 16.71 -13.36 12.77
N GLY C 198 17.79 -14.13 12.83
CA GLY C 198 18.05 -15.13 11.82
C GLY C 198 18.53 -14.56 10.50
N ASP C 199 18.45 -15.36 9.44
CA ASP C 199 18.88 -14.91 8.12
C ASP C 199 17.82 -14.01 7.51
N ALA C 200 17.96 -12.70 7.75
CA ALA C 200 17.03 -11.70 7.24
C ALA C 200 16.78 -11.78 5.75
N GLY C 201 17.82 -12.03 4.97
CA GLY C 201 17.65 -12.14 3.54
C GLY C 201 16.68 -13.26 3.20
N ASP C 202 17.00 -14.45 3.66
CA ASP C 202 16.17 -15.61 3.39
C ASP C 202 14.72 -15.48 3.86
N LYS C 203 14.50 -14.90 5.05
CA LYS C 203 13.14 -14.75 5.54
C LYS C 203 12.34 -13.78 4.69
N ILE C 204 12.94 -12.64 4.36
CA ILE C 204 12.29 -11.63 3.53
C ILE C 204 11.90 -12.14 2.14
N PHE C 205 12.77 -12.91 1.51
CA PHE C 205 12.50 -13.42 0.18
C PHE C 205 11.86 -14.79 0.15
N GLY C 206 11.92 -15.50 1.27
CA GLY C 206 11.31 -16.81 1.35
C GLY C 206 12.15 -17.90 0.74
N THR C 207 13.47 -17.71 0.73
CA THR C 207 14.38 -18.68 0.19
C THR C 207 15.05 -19.46 1.34
N LYS C 208 16.21 -20.04 1.07
CA LYS C 208 16.93 -20.81 2.08
C LYS C 208 18.44 -20.91 1.81
N LYS D 1 4.24 -21.09 -27.34
CA LYS D 1 3.10 -20.91 -28.27
C LYS D 1 2.01 -20.04 -27.72
N LYS D 2 1.71 -20.15 -26.43
CA LYS D 2 0.63 -19.32 -25.87
C LYS D 2 1.05 -17.90 -25.53
N ILE D 3 0.41 -16.96 -26.20
CA ILE D 3 0.69 -15.55 -26.01
C ILE D 3 -0.62 -14.87 -25.71
N VAL D 4 -0.61 -13.97 -24.74
CA VAL D 4 -1.82 -13.24 -24.39
C VAL D 4 -1.51 -11.77 -24.24
N GLU D 5 -2.23 -10.95 -25.01
CA GLU D 5 -2.08 -9.52 -24.91
C GLU D 5 -3.36 -9.14 -24.17
N VAL D 6 -3.27 -8.97 -22.86
CA VAL D 6 -4.45 -8.60 -22.07
C VAL D 6 -5.00 -7.32 -22.66
N LYS D 7 -6.28 -7.35 -23.04
CA LYS D 7 -6.92 -6.20 -23.66
C LYS D 7 -7.91 -5.48 -22.75
N HIS D 8 -7.87 -5.79 -21.45
CA HIS D 8 -8.76 -5.16 -20.47
C HIS D 8 -8.62 -3.64 -20.51
N PRO D 9 -9.75 -2.92 -20.60
CA PRO D 9 -9.66 -1.46 -20.64
C PRO D 9 -8.78 -0.84 -19.55
N LEU D 10 -8.83 -1.35 -18.33
CA LEU D 10 -8.00 -0.81 -17.27
C LEU D 10 -6.51 -0.96 -17.59
N VAL D 11 -6.14 -2.07 -18.23
CA VAL D 11 -4.76 -2.30 -18.60
C VAL D 11 -4.38 -1.36 -19.74
N LYS D 12 -5.24 -1.26 -20.74
CA LYS D 12 -5.01 -0.40 -21.90
C LYS D 12 -4.90 1.07 -21.48
N HIS D 13 -5.66 1.45 -20.46
CA HIS D 13 -5.66 2.81 -19.96
C HIS D 13 -4.42 3.12 -19.13
N LYS D 14 -4.09 2.23 -18.20
CA LYS D 14 -2.93 2.45 -17.35
C LYS D 14 -1.65 2.42 -18.15
N LEU D 15 -1.61 1.61 -19.20
CA LEU D 15 -0.42 1.57 -20.02
C LEU D 15 -0.30 2.91 -20.73
N GLY D 16 -1.45 3.45 -21.13
CA GLY D 16 -1.49 4.72 -21.83
C GLY D 16 -0.76 5.80 -21.06
N LEU D 17 -1.07 5.91 -19.77
CA LEU D 17 -0.43 6.91 -18.91
C LEU D 17 1.09 6.72 -18.81
N MET D 18 1.55 5.48 -18.84
CA MET D 18 3.00 5.21 -18.74
C MET D 18 3.76 5.74 -19.96
N ARG D 19 3.05 5.93 -21.07
CA ARG D 19 3.70 6.39 -22.29
C ARG D 19 4.04 7.87 -22.39
N GLU D 20 3.46 8.69 -21.52
CA GLU D 20 3.73 10.11 -21.55
C GLU D 20 5.16 10.39 -21.13
N GLN D 21 5.97 10.89 -22.05
CA GLN D 21 7.37 11.18 -21.75
C GLN D 21 7.52 12.13 -20.58
N ASP D 22 6.44 12.83 -20.26
CA ASP D 22 6.43 13.81 -19.17
C ASP D 22 6.25 13.22 -17.77
N ILE D 23 5.75 11.98 -17.70
CA ILE D 23 5.49 11.32 -16.42
C ILE D 23 6.70 11.33 -15.47
N SER D 24 6.45 11.09 -14.18
CA SER D 24 7.52 11.09 -13.17
C SER D 24 7.93 9.69 -12.73
N THR D 25 9.20 9.55 -12.34
CA THR D 25 9.75 8.28 -11.88
C THR D 25 8.88 7.60 -10.82
N LYS D 26 8.21 8.41 -10.01
CA LYS D 26 7.34 7.92 -8.94
C LYS D 26 6.05 7.32 -9.48
N ARG D 27 5.33 8.10 -10.28
CA ARG D 27 4.08 7.65 -10.86
C ARG D 27 4.34 6.51 -11.84
N PHE D 28 5.38 6.67 -12.65
CA PHE D 28 5.74 5.65 -13.62
C PHE D 28 5.84 4.33 -12.87
N ARG D 29 6.72 4.30 -11.88
CA ARG D 29 6.95 3.12 -11.06
C ARG D 29 5.66 2.49 -10.53
N GLU D 30 4.76 3.32 -9.99
CA GLU D 30 3.50 2.84 -9.44
C GLU D 30 2.66 2.14 -10.51
N LEU D 31 2.43 2.84 -11.62
CA LEU D 31 1.64 2.30 -12.74
C LEU D 31 2.14 0.91 -13.14
N ALA D 32 3.46 0.75 -13.17
CA ALA D 32 4.07 -0.52 -13.53
C ALA D 32 3.50 -1.62 -12.66
N SER D 33 3.39 -1.36 -11.35
CA SER D 33 2.88 -2.37 -10.45
C SER D 33 1.38 -2.61 -10.61
N GLU D 34 0.63 -1.54 -10.90
CA GLU D 34 -0.81 -1.67 -11.08
C GLU D 34 -1.06 -2.61 -12.26
N VAL D 35 -0.34 -2.37 -13.35
CA VAL D 35 -0.50 -3.23 -14.50
C VAL D 35 0.00 -4.62 -14.12
N GLY D 36 1.10 -4.66 -13.37
CA GLY D 36 1.67 -5.92 -12.92
C GLY D 36 0.65 -6.78 -12.19
N SER D 37 -0.23 -6.16 -11.40
CA SER D 37 -1.26 -6.91 -10.68
C SER D 37 -2.22 -7.54 -11.65
N LEU D 38 -2.78 -6.71 -12.53
CA LEU D 38 -3.74 -7.16 -13.53
C LEU D 38 -3.21 -8.30 -14.42
N LEU D 39 -1.94 -8.25 -14.79
CA LEU D 39 -1.35 -9.31 -15.61
C LEU D 39 -1.26 -10.58 -14.83
N THR D 40 -1.08 -10.44 -13.51
CA THR D 40 -0.96 -11.58 -12.61
C THR D 40 -2.29 -12.29 -12.41
N TYR D 41 -3.36 -11.51 -12.41
CA TYR D 41 -4.69 -12.07 -12.23
C TYR D 41 -5.00 -12.88 -13.48
N GLU D 42 -4.77 -12.24 -14.62
CA GLU D 42 -5.00 -12.84 -15.92
C GLU D 42 -4.15 -14.11 -16.13
N ALA D 43 -2.95 -14.13 -15.56
CA ALA D 43 -2.03 -15.26 -15.71
C ALA D 43 -2.16 -16.41 -14.70
N THR D 44 -2.83 -16.18 -13.59
CA THR D 44 -2.99 -17.22 -12.60
C THR D 44 -4.39 -17.78 -12.59
N ALA D 45 -5.12 -17.57 -13.70
CA ALA D 45 -6.49 -18.04 -13.79
C ALA D 45 -6.60 -19.55 -13.82
N ASP D 46 -5.52 -20.23 -14.16
CA ASP D 46 -5.53 -21.69 -14.26
C ASP D 46 -4.89 -22.45 -13.11
N LEU D 47 -4.61 -21.78 -11.99
CA LEU D 47 -4.01 -22.47 -10.84
C LEU D 47 -4.97 -23.55 -10.38
N GLU D 48 -4.43 -24.69 -9.99
CA GLU D 48 -5.24 -25.78 -9.52
C GLU D 48 -5.61 -25.53 -8.07
N THR D 49 -6.81 -25.95 -7.68
CA THR D 49 -7.29 -25.75 -6.32
C THR D 49 -7.66 -27.07 -5.68
N GLU D 50 -8.12 -27.03 -4.43
CA GLU D 50 -8.49 -28.25 -3.72
C GLU D 50 -9.34 -27.93 -2.49
N LYS D 51 -10.38 -28.73 -2.27
CA LYS D 51 -11.27 -28.54 -1.13
C LYS D 51 -10.63 -28.94 0.20
N VAL D 52 -10.71 -28.05 1.17
CA VAL D 52 -10.14 -28.28 2.49
C VAL D 52 -11.21 -27.85 3.49
N THR D 53 -11.07 -28.25 4.74
CA THR D 53 -12.05 -27.86 5.73
C THR D 53 -11.43 -27.08 6.86
N ILE D 54 -12.18 -26.10 7.34
CA ILE D 54 -11.75 -25.25 8.42
C ILE D 54 -12.95 -25.00 9.31
N GLU D 55 -12.76 -24.19 10.34
CA GLU D 55 -13.83 -23.86 11.28
C GLU D 55 -14.24 -22.41 11.06
N GLY D 56 -15.50 -22.21 10.68
CA GLY D 56 -16.01 -20.87 10.47
C GLY D 56 -16.86 -20.49 11.67
N TRP D 57 -17.18 -19.21 11.83
CA TRP D 57 -17.99 -18.79 12.97
C TRP D 57 -19.22 -19.66 13.21
N ASN D 58 -19.71 -20.29 12.15
CA ASN D 58 -20.91 -21.13 12.26
C ASN D 58 -20.61 -22.64 12.13
N GLY D 59 -19.37 -23.03 12.44
CA GLY D 59 -19.01 -24.43 12.35
C GLY D 59 -18.26 -24.77 11.09
N PRO D 60 -17.62 -25.95 11.03
CA PRO D 60 -16.85 -26.46 9.89
C PRO D 60 -17.32 -26.06 8.48
N VAL D 61 -16.41 -25.42 7.74
CA VAL D 61 -16.71 -24.96 6.39
C VAL D 61 -15.69 -25.52 5.41
N GLU D 62 -16.15 -25.80 4.21
CA GLU D 62 -15.29 -26.32 3.16
C GLU D 62 -14.87 -25.17 2.28
N ILE D 63 -13.55 -24.99 2.13
CA ILE D 63 -13.01 -23.91 1.33
C ILE D 63 -12.02 -24.41 0.28
N ASP D 64 -11.66 -23.54 -0.65
CA ASP D 64 -10.69 -23.91 -1.68
C ASP D 64 -9.33 -23.31 -1.35
N GLN D 65 -8.29 -24.04 -1.72
CA GLN D 65 -6.92 -23.62 -1.51
C GLN D 65 -6.16 -23.89 -2.78
N ILE D 66 -5.26 -23.00 -3.13
CA ILE D 66 -4.45 -23.25 -4.30
C ILE D 66 -3.58 -24.38 -3.76
N LYS D 67 -3.44 -25.46 -4.51
CA LYS D 67 -2.64 -26.56 -3.99
C LYS D 67 -1.27 -26.67 -4.60
N GLY D 68 -0.37 -27.29 -3.84
CA GLY D 68 0.99 -27.47 -4.29
C GLY D 68 1.88 -26.57 -3.47
N LYS D 69 3.17 -26.57 -3.81
CA LYS D 69 4.13 -25.73 -3.10
C LYS D 69 3.94 -24.32 -3.62
N LYS D 70 4.19 -23.34 -2.76
CA LYS D 70 4.00 -21.94 -3.15
C LYS D 70 4.65 -21.60 -4.49
N ILE D 71 3.98 -20.78 -5.28
CA ILE D 71 4.54 -20.39 -6.57
C ILE D 71 5.71 -19.47 -6.31
N THR D 72 6.57 -19.33 -7.31
CA THR D 72 7.74 -18.48 -7.16
C THR D 72 7.76 -17.38 -8.20
N VAL D 73 7.94 -16.14 -7.74
CA VAL D 73 7.99 -14.97 -8.60
C VAL D 73 9.46 -14.70 -8.91
N VAL D 74 9.80 -14.66 -10.19
CA VAL D 74 11.18 -14.44 -10.60
C VAL D 74 11.39 -13.11 -11.30
N PRO D 75 11.77 -12.07 -10.54
CA PRO D 75 12.01 -10.72 -11.09
C PRO D 75 13.40 -10.66 -11.73
N ILE D 76 13.52 -10.05 -12.89
CA ILE D 76 14.85 -9.94 -13.49
C ILE D 76 15.36 -8.62 -12.95
N LEU D 77 16.38 -8.70 -12.11
CA LEU D 77 16.92 -7.53 -11.43
C LEU D 77 17.03 -6.18 -12.07
N ARG D 78 16.57 -5.24 -11.24
CA ARG D 78 16.47 -3.84 -11.52
C ARG D 78 15.08 -3.78 -12.16
N ALA D 79 15.01 -3.53 -13.46
CA ALA D 79 13.73 -3.43 -14.14
C ALA D 79 12.57 -4.14 -13.43
N GLY D 80 12.69 -5.45 -13.27
CA GLY D 80 11.65 -6.27 -12.65
C GLY D 80 11.09 -5.93 -11.28
N LEU D 81 11.91 -5.37 -10.40
CA LEU D 81 11.44 -5.02 -9.06
C LEU D 81 10.30 -4.03 -9.11
N GLY D 82 10.21 -3.28 -10.21
CA GLY D 82 9.16 -2.29 -10.37
C GLY D 82 7.75 -2.82 -10.52
N MET D 83 7.62 -4.12 -10.75
CA MET D 83 6.32 -4.72 -10.93
C MET D 83 6.01 -5.69 -9.81
N MET D 84 7.04 -5.97 -9.01
CA MET D 84 6.94 -6.88 -7.88
C MET D 84 5.89 -6.50 -6.84
N ASP D 85 5.75 -5.21 -6.60
CA ASP D 85 4.80 -4.75 -5.62
C ASP D 85 3.41 -5.24 -6.02
N GLY D 86 3.02 -4.96 -7.25
CA GLY D 86 1.73 -5.36 -7.75
C GLY D 86 1.52 -6.86 -7.85
N VAL D 87 2.56 -7.59 -8.21
CA VAL D 87 2.44 -9.05 -8.30
C VAL D 87 2.22 -9.61 -6.90
N LEU D 88 3.09 -9.25 -5.97
CA LEU D 88 2.96 -9.75 -4.61
C LEU D 88 1.60 -9.49 -4.00
N GLU D 89 0.93 -8.41 -4.40
CA GLU D 89 -0.39 -8.12 -3.85
C GLU D 89 -1.35 -9.28 -4.06
N ASN D 90 -1.32 -9.85 -5.26
CA ASN D 90 -2.19 -10.98 -5.57
C ASN D 90 -1.66 -12.27 -4.98
N VAL D 91 -0.34 -12.41 -4.92
CA VAL D 91 0.29 -13.61 -4.36
C VAL D 91 1.35 -13.24 -3.33
N PRO D 92 0.91 -12.85 -2.13
CA PRO D 92 1.82 -12.46 -1.03
C PRO D 92 2.71 -13.53 -0.41
N SER D 93 2.31 -14.80 -0.52
CA SER D 93 3.10 -15.90 0.06
C SER D 93 4.08 -16.51 -0.92
N ALA D 94 4.16 -15.91 -2.11
CA ALA D 94 5.04 -16.40 -3.16
C ALA D 94 6.47 -16.29 -2.73
N ARG D 95 7.30 -17.22 -3.20
CA ARG D 95 8.72 -17.23 -2.88
C ARG D 95 9.41 -16.42 -3.96
N ILE D 96 10.16 -15.41 -3.55
CA ILE D 96 10.86 -14.56 -4.52
C ILE D 96 12.24 -15.08 -4.91
N SER D 97 12.38 -15.50 -6.17
CA SER D 97 13.65 -15.99 -6.69
C SER D 97 14.23 -14.92 -7.61
N VAL D 98 15.18 -14.13 -7.14
CA VAL D 98 15.76 -13.09 -7.97
C VAL D 98 16.82 -13.56 -8.93
N VAL D 99 16.91 -12.85 -10.05
CA VAL D 99 17.90 -13.14 -11.07
C VAL D 99 18.42 -11.79 -11.54
N GLY D 100 19.73 -11.60 -11.42
CA GLY D 100 20.34 -10.35 -11.83
C GLY D 100 20.85 -10.48 -13.25
N MET D 101 20.63 -9.45 -14.06
CA MET D 101 21.04 -9.49 -15.45
C MET D 101 20.96 -8.07 -16.02
N TYR D 102 21.78 -7.80 -17.03
CA TYR D 102 21.73 -6.50 -17.67
C TYR D 102 22.20 -6.71 -19.09
N ARG D 103 21.67 -5.90 -20.01
CA ARG D 103 21.99 -6.03 -21.42
C ARG D 103 23.16 -5.21 -21.90
N ASN D 104 24.13 -5.87 -22.52
CA ASN D 104 25.29 -5.19 -23.07
C ASN D 104 24.71 -4.37 -24.23
N GLU D 105 24.76 -3.04 -24.13
CA GLU D 105 24.18 -2.19 -25.15
C GLU D 105 24.90 -2.14 -26.49
N GLU D 106 26.11 -2.68 -26.56
CA GLU D 106 26.88 -2.71 -27.79
C GLU D 106 26.52 -3.97 -28.58
N THR D 107 26.46 -5.10 -27.89
CA THR D 107 26.14 -6.37 -28.54
C THR D 107 24.69 -6.81 -28.31
N LEU D 108 23.98 -6.11 -27.44
CA LEU D 108 22.60 -6.45 -27.18
C LEU D 108 22.46 -7.84 -26.56
N GLU D 109 23.56 -8.35 -26.05
CA GLU D 109 23.59 -9.67 -25.40
C GLU D 109 23.31 -9.56 -23.90
N PRO D 110 22.66 -10.56 -23.32
CA PRO D 110 22.41 -10.44 -21.88
C PRO D 110 23.67 -10.74 -21.06
N VAL D 111 23.76 -10.18 -19.86
CA VAL D 111 24.94 -10.42 -19.00
C VAL D 111 24.51 -10.80 -17.56
N PRO D 112 24.15 -12.08 -17.33
CA PRO D 112 23.75 -12.48 -15.99
C PRO D 112 24.88 -12.36 -14.98
N TYR D 113 24.58 -11.79 -13.81
CA TYR D 113 25.57 -11.60 -12.77
C TYR D 113 25.23 -12.19 -11.41
N PHE D 114 23.96 -12.50 -11.17
CA PHE D 114 23.54 -13.05 -9.88
C PHE D 114 22.26 -13.86 -9.98
N GLN D 115 22.20 -14.93 -9.20
CA GLN D 115 21.05 -15.82 -9.22
C GLN D 115 20.79 -16.36 -7.82
N LYS D 116 19.53 -16.37 -7.39
CA LYS D 116 19.20 -16.91 -6.08
C LYS D 116 17.78 -17.42 -6.18
N LEU D 117 17.68 -18.73 -6.43
CA LEU D 117 16.39 -19.37 -6.62
C LEU D 117 15.90 -20.09 -5.37
N VAL D 118 14.58 -20.13 -5.19
CA VAL D 118 13.98 -20.83 -4.06
C VAL D 118 14.28 -22.30 -4.31
N SER D 119 14.16 -23.15 -3.29
CA SER D 119 14.43 -24.57 -3.47
C SER D 119 13.20 -25.38 -3.84
N ASN D 120 13.44 -26.53 -4.47
CA ASN D 120 12.39 -27.43 -4.92
C ASN D 120 11.64 -26.82 -6.08
N ILE D 121 12.31 -25.94 -6.81
CA ILE D 121 11.68 -25.25 -7.92
C ILE D 121 11.01 -26.17 -8.92
N ASP D 122 11.41 -27.44 -8.96
CA ASP D 122 10.80 -28.35 -9.91
C ASP D 122 9.34 -28.62 -9.56
N GLU D 123 8.97 -28.40 -8.30
CA GLU D 123 7.60 -28.62 -7.86
C GLU D 123 6.76 -27.36 -7.94
N ARG D 124 7.35 -26.27 -8.40
CA ARG D 124 6.63 -24.99 -8.45
C ARG D 124 6.40 -24.39 -9.84
N MET D 125 5.47 -23.45 -9.90
CA MET D 125 5.19 -22.70 -11.13
C MET D 125 6.06 -21.46 -11.01
N ALA D 126 6.75 -21.10 -12.08
CA ALA D 126 7.60 -19.91 -12.04
C ALA D 126 6.90 -18.79 -12.77
N LEU D 127 6.98 -17.60 -12.18
CA LEU D 127 6.36 -16.42 -12.73
C LEU D 127 7.45 -15.38 -12.99
N ILE D 128 7.98 -15.35 -14.21
CA ILE D 128 9.03 -14.39 -14.55
C ILE D 128 8.44 -13.00 -14.80
N VAL D 129 8.95 -12.00 -14.07
CA VAL D 129 8.48 -10.63 -14.21
C VAL D 129 9.54 -9.72 -14.78
N ASP D 130 9.17 -8.99 -15.83
CA ASP D 130 10.10 -8.06 -16.46
C ASP D 130 9.37 -7.02 -17.30
N PRO D 131 9.72 -5.74 -17.14
CA PRO D 131 9.09 -4.65 -17.88
C PRO D 131 8.98 -4.83 -19.39
N MET D 132 10.11 -5.06 -20.06
CA MET D 132 10.12 -5.21 -21.51
C MET D 132 10.56 -6.58 -21.98
N LEU D 133 10.33 -6.83 -23.26
CA LEU D 133 10.74 -8.05 -23.94
C LEU D 133 11.10 -7.48 -25.31
N ALA D 134 12.33 -6.98 -25.43
CA ALA D 134 12.82 -6.38 -26.66
C ALA D 134 13.39 -7.40 -27.65
N THR D 135 14.63 -7.80 -27.45
CA THR D 135 15.25 -8.79 -28.33
C THR D 135 14.84 -10.15 -27.78
N GLY D 136 14.66 -10.19 -26.46
CA GLY D 136 14.25 -11.43 -25.81
C GLY D 136 15.38 -12.15 -25.10
N GLY D 137 16.61 -11.65 -25.27
CA GLY D 137 17.75 -12.28 -24.64
C GLY D 137 17.66 -12.50 -23.15
N SER D 138 17.21 -11.49 -22.42
CA SER D 138 17.11 -11.60 -20.98
C SER D 138 16.11 -12.64 -20.51
N VAL D 139 14.89 -12.63 -21.05
CA VAL D 139 13.89 -13.61 -20.67
C VAL D 139 14.32 -15.02 -21.06
N ILE D 140 14.92 -15.15 -22.24
CA ILE D 140 15.36 -16.46 -22.70
C ILE D 140 16.46 -16.98 -21.80
N ALA D 141 17.40 -16.10 -21.44
CA ALA D 141 18.50 -16.50 -20.57
C ALA D 141 17.97 -16.93 -19.22
N THR D 142 17.04 -16.15 -18.67
CA THR D 142 16.44 -16.47 -17.38
C THR D 142 15.65 -17.80 -17.38
N ILE D 143 14.92 -18.08 -18.46
CA ILE D 143 14.17 -19.35 -18.52
C ILE D 143 15.14 -20.54 -18.53
N ASP D 144 16.28 -20.40 -19.20
CA ASP D 144 17.26 -21.49 -19.21
C ASP D 144 17.71 -21.82 -17.78
N LEU D 145 17.97 -20.79 -16.98
CA LEU D 145 18.38 -21.00 -15.60
C LEU D 145 17.31 -21.78 -14.85
N LEU D 146 16.07 -21.31 -14.91
CA LEU D 146 14.98 -21.97 -14.21
C LEU D 146 14.86 -23.43 -14.64
N LYS D 147 15.00 -23.68 -15.95
CA LYS D 147 14.89 -25.04 -16.47
C LYS D 147 16.09 -25.89 -16.07
N LYS D 148 17.23 -25.24 -15.89
CA LYS D 148 18.44 -25.93 -15.48
C LYS D 148 18.26 -26.36 -14.03
N ALA D 149 17.64 -25.49 -13.23
CA ALA D 149 17.40 -25.80 -11.83
C ALA D 149 16.34 -26.88 -11.75
N GLY D 150 15.82 -27.26 -12.91
CA GLY D 150 14.81 -28.29 -12.99
C GLY D 150 13.38 -27.83 -13.08
N CYS D 151 13.16 -26.54 -13.32
CA CYS D 151 11.81 -26.03 -13.39
C CYS D 151 11.09 -26.21 -14.73
N SER D 152 9.84 -26.66 -14.65
CA SER D 152 8.99 -26.81 -15.82
C SER D 152 7.80 -25.95 -15.39
N SER D 153 6.88 -25.66 -16.31
CA SER D 153 5.73 -24.81 -15.96
C SER D 153 6.16 -23.36 -15.61
N ILE D 154 6.34 -22.53 -16.64
CA ILE D 154 6.77 -21.15 -16.48
C ILE D 154 5.86 -20.15 -17.21
N LYS D 155 5.61 -19.00 -16.58
CA LYS D 155 4.78 -17.94 -17.18
C LYS D 155 5.54 -16.62 -17.15
N VAL D 156 5.61 -15.94 -18.29
CA VAL D 156 6.34 -14.67 -18.36
C VAL D 156 5.37 -13.48 -18.40
N LEU D 157 5.62 -12.50 -17.53
CA LEU D 157 4.77 -11.31 -17.48
C LEU D 157 5.62 -10.12 -17.93
N VAL D 158 5.12 -9.39 -18.92
CA VAL D 158 5.83 -8.24 -19.48
C VAL D 158 4.83 -7.11 -19.60
N LEU D 159 5.30 -5.87 -19.73
CA LEU D 159 4.39 -4.75 -19.90
C LEU D 159 4.25 -4.60 -21.40
N VAL D 160 5.39 -4.44 -22.08
CA VAL D 160 5.40 -4.32 -23.54
C VAL D 160 6.39 -5.31 -24.15
N ALA D 161 5.98 -5.94 -25.24
CA ALA D 161 6.80 -6.90 -25.94
C ALA D 161 6.95 -6.50 -27.40
N ALA D 162 8.12 -6.76 -27.97
CA ALA D 162 8.36 -6.44 -29.38
C ALA D 162 8.20 -7.73 -30.15
N PRO D 163 7.61 -7.67 -31.36
CA PRO D 163 7.45 -8.91 -32.13
C PRO D 163 8.72 -9.77 -32.18
N GLU D 164 9.88 -9.16 -32.39
CA GLU D 164 11.13 -9.90 -32.43
C GLU D 164 11.30 -10.71 -31.16
N GLY D 165 11.13 -10.05 -30.02
CA GLY D 165 11.29 -10.74 -28.75
C GLY D 165 10.38 -11.95 -28.64
N ILE D 166 9.11 -11.75 -29.00
CA ILE D 166 8.14 -12.82 -28.95
C ILE D 166 8.59 -13.97 -29.85
N ALA D 167 9.05 -13.64 -31.05
CA ALA D 167 9.51 -14.64 -32.01
C ALA D 167 10.69 -15.45 -31.50
N ALA D 168 11.66 -14.76 -30.92
CA ALA D 168 12.86 -15.38 -30.36
C ALA D 168 12.50 -16.28 -29.18
N LEU D 169 11.51 -15.84 -28.41
CA LEU D 169 11.07 -16.63 -27.26
C LEU D 169 10.39 -17.91 -27.71
N GLU D 170 9.51 -17.79 -28.70
CA GLU D 170 8.79 -18.95 -29.20
C GLU D 170 9.75 -19.98 -29.79
N LYS D 171 10.83 -19.52 -30.41
CA LYS D 171 11.82 -20.44 -30.99
C LYS D 171 12.58 -21.17 -29.91
N ALA D 172 12.89 -20.48 -28.82
CA ALA D 172 13.67 -21.04 -27.72
C ALA D 172 12.89 -21.86 -26.70
N HIS D 173 11.70 -21.42 -26.34
CA HIS D 173 10.91 -22.14 -25.35
C HIS D 173 9.41 -22.15 -25.61
N PRO D 174 8.98 -22.83 -26.68
CA PRO D 174 7.55 -22.86 -26.97
C PRO D 174 6.69 -23.38 -25.82
N ASP D 175 7.31 -23.99 -24.84
CA ASP D 175 6.55 -24.54 -23.71
C ASP D 175 6.15 -23.50 -22.67
N VAL D 176 6.54 -22.26 -22.90
CA VAL D 176 6.25 -21.18 -21.96
C VAL D 176 4.97 -20.40 -22.34
N GLU D 177 4.42 -19.67 -21.37
CA GLU D 177 3.22 -18.85 -21.60
C GLU D 177 3.58 -17.39 -21.42
N LEU D 178 3.26 -16.59 -22.43
CA LEU D 178 3.58 -15.16 -22.44
C LEU D 178 2.35 -14.28 -22.27
N TYR D 179 2.35 -13.49 -21.20
CA TYR D 179 1.25 -12.57 -20.95
C TYR D 179 1.85 -11.20 -20.96
N THR D 180 1.37 -10.37 -21.88
CA THR D 180 1.86 -9.02 -22.01
C THR D 180 0.70 -8.02 -21.97
N ALA D 181 1.01 -6.77 -21.70
CA ALA D 181 -0.01 -5.74 -21.66
C ALA D 181 -0.13 -5.13 -23.05
N SER D 182 0.86 -5.39 -23.89
CA SER D 182 0.85 -4.85 -25.22
C SER D 182 1.97 -5.39 -26.11
N ILE D 183 1.64 -5.54 -27.39
CA ILE D 183 2.60 -6.01 -28.38
C ILE D 183 2.86 -4.77 -29.22
N ASP D 184 4.07 -4.25 -29.18
CA ASP D 184 4.39 -3.05 -29.94
C ASP D 184 4.75 -3.32 -31.42
N GLN D 185 5.44 -2.39 -32.07
CA GLN D 185 5.78 -2.57 -33.49
C GLN D 185 7.08 -3.31 -33.78
N GLY D 186 8.14 -2.96 -33.07
CA GLY D 186 9.41 -3.61 -33.29
C GLY D 186 10.52 -2.89 -32.58
N LEU D 187 11.76 -3.16 -32.93
CA LEU D 187 12.90 -2.52 -32.28
C LEU D 187 13.59 -1.52 -33.20
N ASN D 188 14.16 -0.45 -32.63
CA ASN D 188 14.88 0.49 -33.47
C ASN D 188 16.31 -0.03 -33.59
N GLU D 189 17.18 0.72 -34.27
CA GLU D 189 18.55 0.26 -34.48
C GLU D 189 19.37 0.05 -33.22
N HIS D 190 18.80 0.38 -32.07
CA HIS D 190 19.53 0.23 -30.82
C HIS D 190 18.97 -0.82 -29.89
N GLY D 191 17.93 -1.53 -30.34
CA GLY D 191 17.36 -2.58 -29.51
C GLY D 191 16.24 -2.12 -28.60
N TYR D 192 15.82 -0.87 -28.76
CA TYR D 192 14.75 -0.31 -27.95
C TYR D 192 13.40 -0.54 -28.63
N ILE D 193 12.41 -0.94 -27.83
CA ILE D 193 11.08 -1.20 -28.37
C ILE D 193 10.38 0.11 -28.74
N ILE D 194 9.68 0.11 -29.87
CA ILE D 194 8.93 1.28 -30.27
C ILE D 194 7.54 0.83 -30.73
N PRO D 195 6.48 1.57 -30.34
CA PRO D 195 6.49 2.78 -29.51
C PRO D 195 7.27 2.56 -28.24
N GLY D 196 6.90 1.52 -27.49
CA GLY D 196 7.59 1.20 -26.25
C GLY D 196 7.56 2.32 -25.24
N LEU D 197 8.41 2.24 -24.20
CA LEU D 197 8.42 3.28 -23.20
C LEU D 197 9.79 3.63 -22.60
N GLY D 198 10.74 3.93 -23.46
CA GLY D 198 12.08 4.29 -23.03
C GLY D 198 12.81 3.26 -22.19
N ASP D 199 13.85 3.71 -21.51
CA ASP D 199 14.64 2.85 -20.66
C ASP D 199 13.89 2.61 -19.35
N ALA D 200 12.99 1.63 -19.35
CA ALA D 200 12.20 1.28 -18.18
C ALA D 200 13.05 1.18 -16.93
N GLY D 201 14.17 0.49 -17.04
CA GLY D 201 15.05 0.34 -15.89
C GLY D 201 15.44 1.67 -15.27
N ASP D 202 16.09 2.52 -16.04
CA ASP D 202 16.51 3.81 -15.54
C ASP D 202 15.34 4.63 -15.02
N LYS D 203 14.24 4.63 -15.76
CA LYS D 203 13.07 5.40 -15.36
C LYS D 203 12.50 4.95 -14.02
N ILE D 204 12.36 3.63 -13.84
CA ILE D 204 11.82 3.09 -12.60
C ILE D 204 12.68 3.40 -11.38
N PHE D 205 13.99 3.42 -11.56
CA PHE D 205 14.88 3.69 -10.43
C PHE D 205 15.31 5.13 -10.27
N GLY D 206 15.09 5.94 -11.31
CA GLY D 206 15.47 7.33 -11.24
C GLY D 206 16.94 7.52 -11.50
N THR D 207 17.55 6.57 -12.19
CA THR D 207 18.97 6.66 -12.52
C THR D 207 19.05 7.01 -14.00
N LYS D 208 20.27 7.15 -14.50
CA LYS D 208 20.50 7.47 -15.91
C LYS D 208 21.85 6.94 -16.37
S SO4 E . -29.99 -8.78 -10.47
O1 SO4 E . -28.76 -8.66 -11.29
O2 SO4 E . -29.79 -9.78 -9.41
O3 SO4 E . -31.10 -9.21 -11.33
O4 SO4 E . -30.29 -7.48 -9.86
S SO4 F . -29.00 -6.98 4.19
O1 SO4 F . -28.48 -7.62 2.96
O2 SO4 F . -29.83 -7.95 4.92
O3 SO4 F . -29.79 -5.80 3.84
O4 SO4 F . -27.89 -6.57 5.07
S SO4 G . -15.32 14.04 -13.72
O1 SO4 G . -15.91 12.97 -14.52
O2 SO4 G . -15.44 13.70 -12.29
O3 SO4 G . -16.05 15.30 -13.98
O4 SO4 G . -13.89 14.20 -14.07
S SO4 H . -22.36 -1.97 9.86
O1 SO4 H . -21.54 -2.14 8.64
O2 SO4 H . -23.48 -2.91 9.80
O3 SO4 H . -22.88 -0.59 9.96
O4 SO4 H . -21.55 -2.26 11.06
S SO4 I . -8.95 15.43 -10.25
O1 SO4 I . -9.49 15.17 -11.60
O2 SO4 I . -10.07 15.72 -9.31
O3 SO4 I . -8.05 16.59 -10.29
O4 SO4 I . -8.22 14.22 -9.80
S SO4 J . -6.11 21.59 23.74
O1 SO4 J . -6.31 22.47 22.57
O2 SO4 J . -6.89 20.36 23.59
O3 SO4 J . -6.56 22.27 24.96
O4 SO4 J . -4.69 21.27 23.87
S SO4 K . -15.15 22.66 12.35
O1 SO4 K . -14.83 21.90 11.14
O2 SO4 K . -16.45 22.21 12.88
O3 SO4 K . -15.23 24.08 12.02
O4 SO4 K . -14.09 22.43 13.35
S SO4 L . -17.37 16.28 5.30
O1 SO4 L . -17.31 15.77 3.91
O2 SO4 L . -18.67 15.95 5.90
O3 SO4 L . -17.17 17.74 5.25
O4 SO4 L . -16.27 15.69 6.10
S SO4 M . -7.44 -8.50 16.65
O1 SO4 M . -8.80 -9.05 16.85
O2 SO4 M . -6.92 -7.97 17.91
O3 SO4 M . -7.48 -7.44 15.63
O4 SO4 M . -6.54 -9.58 16.20
S SO4 N . 29.65 5.25 12.88
O1 SO4 N . 29.19 4.91 11.53
O2 SO4 N . 29.46 4.10 13.79
O3 SO4 N . 28.88 6.41 13.38
O4 SO4 N . 31.07 5.62 12.82
S SO4 O . 27.86 -7.94 7.29
O1 SO4 O . 28.80 -8.03 6.16
O2 SO4 O . 26.57 -8.54 6.92
O3 SO4 O . 27.65 -6.50 7.64
O4 SO4 O . 28.41 -8.67 8.44
S SO4 P . 17.49 15.29 -9.22
O1 SO4 P . 18.51 15.62 -10.24
O2 SO4 P . 16.14 15.61 -9.72
O3 SO4 P . 17.76 16.07 -8.00
O4 SO4 P . 17.57 13.85 -8.92
S SO4 Q . 21.21 -11.50 1.09
O1 SO4 Q . 21.24 -11.96 -0.31
O2 SO4 Q . 20.30 -12.36 1.87
O3 SO4 Q . 20.76 -10.10 1.19
O4 SO4 Q . 22.57 -11.58 1.65
S SO4 R . 11.09 13.00 -11.86
O1 SO4 R . 10.66 12.71 -13.25
O2 SO4 R . 10.77 11.85 -10.99
O3 SO4 R . 10.37 14.18 -11.33
O4 SO4 R . 12.53 13.28 -11.87
S SO4 S . 6.28 -18.38 -26.21
O1 SO4 S . 6.80 -18.43 -24.84
O2 SO4 S . 6.42 -17.02 -26.76
O3 SO4 S . 4.86 -18.78 -26.23
O4 SO4 S . 7.03 -19.34 -27.02
S SO4 T . 16.14 -7.82 -24.02
O1 SO4 T . 16.33 -7.25 -25.35
O2 SO4 T . 14.87 -8.58 -24.00
O3 SO4 T . 16.12 -6.74 -23.02
O4 SO4 T . 17.26 -8.72 -23.69
S SO4 U . 6.41 -24.01 0.25
O1 SO4 U . 5.20 -24.58 -0.37
O2 SO4 U . 6.11 -23.62 1.63
O3 SO4 U . 6.84 -22.83 -0.52
O4 SO4 U . 7.49 -25.02 0.23
S SO4 V . 18.62 -2.83 -15.80
O1 SO4 V . 19.09 -2.86 -17.19
O2 SO4 V . 17.40 -3.63 -15.65
O3 SO4 V . 18.31 -1.43 -15.43
O4 SO4 V . 19.71 -3.36 -14.95
S SO4 W . 6.00 -18.95 5.54
O1 SO4 W . 6.11 -20.08 4.61
O2 SO4 W . 4.66 -18.95 6.15
O3 SO4 W . 6.18 -17.69 4.80
O4 SO4 W . 7.04 -19.07 6.59
#